data_7OBW
#
_entry.id   7OBW
#
_cell.length_a   87.414
_cell.length_b   157.114
_cell.length_c   77.840
_cell.angle_alpha   90.000
_cell.angle_beta   90.000
_cell.angle_gamma   90.000
#
_symmetry.space_group_name_H-M   'P 21 21 2'
#
loop_
_entity.id
_entity.type
_entity.pdbx_description
1 polymer 'Ferric enterobactin receptor'
2 non-polymer '[4-[[[(2~{S})-2-[[2,3-bis(oxidanyl)phenyl]carbonylamino]-3-[[(2~{S})-2-[[2,3-bis(oxidanyl)phenyl]carbonylamino]-3-[2-[[2,3-bis(oxidanyl)phenyl]carbonylamino]ethanoylamino]propanoyl]amino]propanoyl]amino]methyl]-1,2,3-triazol-1-yl]methyl 4-[4-[(5~{S})-5-(acetamidomethyl)-2-oxidanylidene-1,3-oxazolidin-3-yl]-2-fluoranyl-phenyl]piperazine-1-carboxylate'
3 non-polymer 'FE (III) ION'
4 water water
#
_entity_poly.entity_id   1
_entity_poly.type   'polypeptide(L)'
_entity_poly.pdbx_seq_one_letter_code
;AGQGDGSVIELGEQTVVATAQEETKQAPGVSIITAEDIAKRPPSNDLSQIIRTMPGVNLTGNSSSGQRGNNRQIDIRGMG
PENTLILVDGKPVSSRNSVRYGWRGERDSRGDTNWVPADQVERIEVIRGPAAARYGNGAAGGVVNIITKQAGAETHGNLS
VYSNFPQHKAEGASERMSFGLNGPLTENLSYRVYGNIAKTDSDDWDINAGHESNRTGKQAGTLPAGREGVRNKDIDGLLS
WRLTPEQTLEFEAGFSRQGNIYTGDTQNTNSNNYVKQMLGHETNRMYRETYSVTHRGEWDFGSSLAYLQYEKTRNSRINE
GLAGGTEGIFDPNNAGFYTATLRDLTAHGEVNLPLHLGYEQTLTLGSEWTEQKLDDPSSNTQNTEEGGSIPGLAGKNRSS
SSSARIFSLFAEDNIELMPGTMLTPGLRWDHHDIVGDNWSPSLNLSHALTERVTLKAGIARAYKAPNLYQLNPDYLLYSR
GQGCYGQSTSCYLRGNDGLKAETSVNKELGIEYSHDGLVAGLTYFRNDYKNKIESGLSPVDHASGGKGDYANAAIYQWEN
VPKAVVEGLEGTLTLPLADGLKWSNNLTYMLQSKNKETGDVLSVTPRYTLNSMLDWQATDDLSLQATVTWYGKQKPKKYD
YHGDRVTGSANDQLSPYAIAGLGGTYRLSKNLSLGAGVDNLFDKRLFRAGNAQGVVGIDGAGAATYNEPGRTFYTSLTAS
F
;
_entity_poly.pdbx_strand_id   AAA
#
loop_
_chem_comp.id
_chem_comp.type
_chem_comp.name
_chem_comp.formula
FE non-polymer 'FE (III) ION' 'Fe 3'
V82 non-polymer '[4-[[[(2~{S})-2-[[2,3-bis(oxidanyl)phenyl]carbonylamino]-3-[[(2~{S})-2-[[2,3-bis(oxidanyl)phenyl]carbonylamino]-3-[2-[[2,3-bis(oxidanyl)phenyl]carbonylamino]ethanoylamino]propanoyl]amino]propanoyl]amino]methyl]-1,2,3-triazol-1-yl]methyl 4-[4-[(5~{S})-5-(acetamidomethyl)-2-oxidanylidene-1,3-oxazolidin-3-yl]-2-fluoranyl-phenyl]piperazine-1-carboxylate' 'C50 H54 F N13 O17'
#
# COMPACT_ATOMS: atom_id res chain seq x y z
N LYS A 25 -19.13 -7.34 8.90
CA LYS A 25 -18.30 -6.50 7.96
C LYS A 25 -17.24 -5.76 8.78
N GLN A 26 -17.49 -5.56 10.08
CA GLN A 26 -16.61 -4.82 11.00
C GLN A 26 -16.61 -5.52 12.37
N ALA A 27 -15.50 -6.11 12.76
CA ALA A 27 -15.15 -6.49 14.15
C ALA A 27 -13.90 -5.72 14.57
N PRO A 28 -13.53 -5.79 15.87
CA PRO A 28 -12.29 -5.19 16.36
C PRO A 28 -11.05 -5.73 15.63
N GLY A 29 -10.34 -4.82 14.95
CA GLY A 29 -9.10 -5.12 14.22
C GLY A 29 -9.32 -5.45 12.75
N VAL A 30 -10.53 -5.83 12.33
CA VAL A 30 -10.76 -6.52 11.03
C VAL A 30 -11.98 -5.93 10.33
N SER A 31 -11.90 -5.87 9.01
CA SER A 31 -12.93 -5.30 8.11
C SER A 31 -13.02 -6.15 6.83
N ILE A 32 -14.24 -6.54 6.44
CA ILE A 32 -14.54 -7.17 5.14
C ILE A 32 -15.23 -6.13 4.24
N ILE A 33 -14.76 -5.99 3.02
CA ILE A 33 -15.46 -5.30 1.91
C ILE A 33 -15.97 -6.39 0.97
N THR A 34 -17.25 -6.38 0.64
CA THR A 34 -17.89 -7.41 -0.22
C THR A 34 -17.97 -6.93 -1.68
N ALA A 35 -18.31 -7.86 -2.57
CA ALA A 35 -18.59 -7.60 -3.99
C ALA A 35 -19.76 -6.62 -4.08
N GLU A 36 -20.79 -6.82 -3.27
CA GLU A 36 -21.96 -5.90 -3.22
C GLU A 36 -21.47 -4.47 -2.91
N ASP A 37 -20.58 -4.32 -1.92
CA ASP A 37 -19.98 -3.02 -1.49
C ASP A 37 -19.22 -2.39 -2.67
N ILE A 38 -18.38 -3.18 -3.34
CA ILE A 38 -17.57 -2.68 -4.48
C ILE A 38 -18.52 -2.19 -5.57
N ALA A 39 -19.71 -2.81 -5.66
CA ALA A 39 -20.71 -2.56 -6.72
C ALA A 39 -21.41 -1.23 -6.47
N LYS A 40 -21.58 -0.85 -5.20
CA LYS A 40 -22.46 0.27 -4.76
C LYS A 40 -21.64 1.55 -4.64
N ARG A 41 -20.34 1.40 -4.40
CA ARG A 41 -19.34 2.51 -4.43
C ARG A 41 -18.20 2.12 -5.38
N PRO A 42 -18.48 2.06 -6.70
CA PRO A 42 -17.46 1.63 -7.66
C PRO A 42 -16.20 2.50 -7.61
N PRO A 43 -15.01 1.89 -7.51
CA PRO A 43 -13.76 2.64 -7.67
C PRO A 43 -13.50 3.00 -9.14
N SER A 44 -12.93 4.18 -9.39
CA SER A 44 -12.41 4.60 -10.72
C SER A 44 -11.66 3.44 -11.37
N ASN A 45 -10.63 2.93 -10.70
CA ASN A 45 -9.63 2.00 -11.28
C ASN A 45 -8.95 1.21 -10.16
N ASP A 46 -8.05 1.84 -9.41
CA ASP A 46 -7.32 1.29 -8.23
C ASP A 46 -8.27 1.05 -7.05
N LEU A 47 -8.09 -0.04 -6.31
CA LEU A 47 -8.98 -0.44 -5.18
C LEU A 47 -8.71 0.43 -3.96
N SER A 48 -7.56 1.09 -3.90
CA SER A 48 -7.20 1.97 -2.77
C SER A 48 -8.41 2.86 -2.44
N GLN A 49 -9.14 3.24 -3.48
CA GLN A 49 -10.28 4.19 -3.38
C GLN A 49 -11.30 3.66 -2.38
N ILE A 50 -11.59 2.35 -2.37
CA ILE A 50 -12.62 1.78 -1.46
C ILE A 50 -11.94 1.16 -0.23
N ILE A 51 -10.74 0.60 -0.37
CA ILE A 51 -10.01 -0.03 0.76
C ILE A 51 -9.78 1.03 1.84
N ARG A 52 -9.59 2.29 1.45
CA ARG A 52 -9.17 3.41 2.34
C ARG A 52 -10.30 3.80 3.32
N THR A 53 -11.53 3.43 3.01
CA THR A 53 -12.75 3.86 3.74
C THR A 53 -12.98 2.96 4.95
N MET A 54 -12.18 1.91 5.09
CA MET A 54 -12.25 1.05 6.29
C MET A 54 -11.69 1.84 7.47
N PRO A 55 -12.17 1.54 8.70
CA PRO A 55 -11.52 1.98 9.92
C PRO A 55 -10.03 1.66 9.89
N GLY A 56 -9.21 2.59 10.37
CA GLY A 56 -7.77 2.39 10.64
C GLY A 56 -6.96 2.52 9.36
N VAL A 57 -7.60 2.81 8.23
CA VAL A 57 -6.90 2.88 6.93
C VAL A 57 -6.86 4.33 6.47
N ASN A 58 -5.70 4.78 6.00
CA ASN A 58 -5.50 6.10 5.35
C ASN A 58 -4.87 5.86 3.98
N LEU A 59 -4.83 6.89 3.14
CA LEU A 59 -4.16 6.87 1.81
C LEU A 59 -3.07 7.95 1.82
N THR A 60 -1.82 7.56 2.08
CA THR A 60 -0.71 8.51 2.34
C THR A 60 0.55 8.05 1.61
N GLY A 61 1.60 8.88 1.58
CA GLY A 61 2.98 8.47 1.28
C GLY A 61 3.60 7.78 2.48
N ASN A 62 4.83 7.30 2.36
CA ASN A 62 5.44 6.41 3.38
C ASN A 62 6.07 7.25 4.50
N SER A 63 6.76 8.32 4.14
CA SER A 63 7.40 9.25 5.09
C SER A 63 6.94 10.65 4.72
N SER A 64 7.60 11.69 5.25
CA SER A 64 7.06 13.05 5.50
C SER A 64 7.48 14.04 4.41
N SER A 65 8.30 13.62 3.44
CA SER A 65 8.95 14.51 2.44
C SER A 65 7.89 15.13 1.52
N GLY A 66 6.83 14.37 1.22
CA GLY A 66 5.78 14.82 0.27
C GLY A 66 6.17 14.48 -1.15
N GLN A 67 7.39 13.97 -1.34
CA GLN A 67 7.91 13.51 -2.66
C GLN A 67 6.97 12.42 -3.19
N ARG A 68 6.64 12.50 -4.48
CA ARG A 68 5.74 11.55 -5.16
C ARG A 68 4.43 11.49 -4.37
N GLY A 69 3.99 12.66 -3.92
CA GLY A 69 2.82 12.86 -3.02
C GLY A 69 1.48 12.60 -3.68
N ASN A 70 1.39 12.57 -5.02
CA ASN A 70 0.15 12.21 -5.74
C ASN A 70 0.18 10.70 -6.01
N ASN A 71 1.17 9.99 -5.48
CA ASN A 71 1.31 8.52 -5.63
C ASN A 71 0.99 7.86 -4.28
N ARG A 72 -0.17 8.17 -3.69
CA ARG A 72 -0.53 7.75 -2.32
C ARG A 72 -1.07 6.32 -2.33
N GLN A 73 -0.80 5.59 -1.27
CA GLN A 73 -1.00 4.12 -1.16
C GLN A 73 -1.67 3.85 0.19
N ILE A 74 -2.15 2.62 0.42
CA ILE A 74 -2.91 2.23 1.63
C ILE A 74 -1.94 2.18 2.82
N ASP A 75 -2.30 2.92 3.88
CA ASP A 75 -1.59 2.96 5.19
C ASP A 75 -2.55 2.46 6.28
N ILE A 76 -2.13 1.44 7.02
CA ILE A 76 -2.90 0.89 8.17
C ILE A 76 -2.34 1.45 9.47
N ARG A 77 -3.18 2.17 10.22
CA ARG A 77 -2.87 2.67 11.59
C ARG A 77 -1.56 3.46 11.57
N GLY A 78 -1.34 4.25 10.52
CA GLY A 78 -0.28 5.28 10.47
C GLY A 78 1.10 4.66 10.40
N MET A 79 1.20 3.38 10.03
CA MET A 79 2.47 2.60 10.07
C MET A 79 3.19 2.73 8.73
N GLY A 80 2.61 3.48 7.80
CA GLY A 80 3.16 3.63 6.44
C GLY A 80 2.79 2.45 5.55
N PRO A 81 2.77 2.68 4.21
CA PRO A 81 2.36 1.69 3.21
C PRO A 81 3.36 0.55 2.96
N GLU A 82 4.63 0.78 3.30
CA GLU A 82 5.68 -0.25 3.27
C GLU A 82 5.34 -1.36 4.26
N ASN A 83 4.45 -1.09 5.20
CA ASN A 83 4.14 -2.00 6.33
C ASN A 83 2.72 -2.54 6.15
N THR A 84 2.18 -2.37 4.96
CA THR A 84 0.88 -2.95 4.51
C THR A 84 1.15 -4.03 3.47
N LEU A 85 0.95 -5.29 3.86
CA LEU A 85 1.16 -6.50 3.02
C LEU A 85 -0.09 -6.77 2.19
N ILE A 86 0.04 -6.71 0.86
CA ILE A 86 -1.04 -6.96 -0.12
C ILE A 86 -0.98 -8.41 -0.59
N LEU A 87 -2.06 -9.16 -0.36
CA LEU A 87 -2.21 -10.54 -0.87
C LEU A 87 -3.30 -10.56 -1.94
N VAL A 88 -3.16 -11.44 -2.93
CA VAL A 88 -4.27 -11.86 -3.84
C VAL A 88 -4.48 -13.36 -3.63
N ASP A 89 -5.60 -13.72 -3.00
CA ASP A 89 -6.01 -15.12 -2.73
C ASP A 89 -4.91 -15.74 -1.85
N GLY A 90 -4.39 -14.97 -0.91
CA GLY A 90 -3.48 -15.45 0.15
C GLY A 90 -2.02 -15.47 -0.31
N LYS A 91 -1.72 -14.90 -1.48
CA LYS A 91 -0.37 -14.94 -2.13
C LYS A 91 0.18 -13.52 -2.27
N PRO A 92 1.39 -13.25 -1.74
CA PRO A 92 1.95 -11.89 -1.71
C PRO A 92 2.12 -11.26 -3.09
N VAL A 93 1.86 -9.94 -3.16
CA VAL A 93 2.24 -9.05 -4.28
C VAL A 93 3.48 -8.25 -3.86
N SER A 94 4.61 -8.33 -4.57
CA SER A 94 5.90 -7.73 -4.16
C SER A 94 6.40 -6.74 -5.22
N SER A 95 5.62 -6.49 -6.28
CA SER A 95 6.03 -5.76 -7.51
C SER A 95 6.66 -4.40 -7.19
N ARG A 96 6.15 -3.69 -6.20
CA ARG A 96 6.62 -2.30 -5.91
C ARG A 96 8.06 -2.34 -5.41
N ASN A 97 8.53 -3.49 -4.92
CA ASN A 97 9.94 -3.70 -4.50
C ASN A 97 10.90 -3.64 -5.71
N SER A 98 10.36 -3.49 -6.92
CA SER A 98 11.13 -3.30 -8.18
C SER A 98 11.34 -1.81 -8.49
N VAL A 99 10.78 -0.89 -7.70
CA VAL A 99 11.02 0.57 -7.87
C VAL A 99 12.05 1.05 -6.84
N ARG A 100 13.03 1.84 -7.28
CA ARG A 100 14.08 2.37 -6.38
C ARG A 100 13.40 2.98 -5.16
N TYR A 101 13.86 2.58 -3.96
CA TYR A 101 13.58 3.19 -2.64
C TYR A 101 14.55 4.35 -2.40
N GLY A 102 14.03 5.56 -2.30
CA GLY A 102 14.81 6.82 -2.26
C GLY A 102 15.21 7.22 -0.85
N TRP A 103 15.98 8.31 -0.75
CA TRP A 103 16.62 8.82 0.49
C TRP A 103 15.57 9.01 1.60
N ARG A 104 14.39 9.51 1.22
CA ARG A 104 13.30 9.91 2.15
C ARG A 104 12.25 8.78 2.25
N GLY A 105 12.54 7.59 1.75
CA GLY A 105 11.71 6.40 2.00
C GLY A 105 10.49 6.38 1.10
N GLU A 106 10.57 7.06 -0.06
CA GLU A 106 9.50 7.01 -1.10
C GLU A 106 10.04 6.34 -2.35
N ARG A 107 9.16 5.64 -3.04
CA ARG A 107 9.37 5.03 -4.38
C ARG A 107 8.45 5.74 -5.35
N ASP A 108 8.90 6.01 -6.58
CA ASP A 108 8.04 6.48 -7.68
C ASP A 108 7.21 5.28 -8.15
N SER A 109 6.32 4.80 -7.27
CA SER A 109 5.38 3.68 -7.52
C SER A 109 3.94 4.15 -7.27
N ARG A 110 3.00 3.62 -8.04
CA ARG A 110 1.55 3.87 -7.87
C ARG A 110 0.96 2.90 -6.82
N GLY A 111 1.78 1.94 -6.37
CA GLY A 111 1.44 0.96 -5.33
C GLY A 111 1.17 -0.41 -5.93
N ASP A 112 0.56 -1.30 -5.14
CA ASP A 112 0.26 -2.70 -5.55
C ASP A 112 -1.21 -3.06 -5.27
N THR A 113 -2.16 -2.13 -5.41
CA THR A 113 -3.60 -2.43 -5.23
C THR A 113 -4.33 -2.28 -6.57
N ASN A 114 -3.62 -2.24 -7.69
CA ASN A 114 -4.24 -2.02 -9.03
C ASN A 114 -3.92 -3.20 -9.96
N TRP A 115 -3.59 -4.38 -9.41
CA TRP A 115 -3.25 -5.60 -10.19
C TRP A 115 -4.54 -6.38 -10.51
N VAL A 116 -5.49 -6.41 -9.58
CA VAL A 116 -6.80 -7.11 -9.74
C VAL A 116 -7.88 -6.10 -10.10
N PRO A 117 -8.69 -6.35 -11.15
CA PRO A 117 -9.73 -5.42 -11.53
C PRO A 117 -10.92 -5.54 -10.57
N ALA A 118 -11.49 -4.40 -10.18
CA ALA A 118 -12.49 -4.27 -9.11
C ALA A 118 -13.61 -5.32 -9.28
N ASP A 119 -14.11 -5.50 -10.51
CA ASP A 119 -15.39 -6.23 -10.74
C ASP A 119 -15.15 -7.75 -10.76
N GLN A 120 -13.90 -8.21 -10.67
CA GLN A 120 -13.61 -9.66 -10.53
C GLN A 120 -13.26 -10.00 -9.08
N VAL A 121 -13.38 -9.03 -8.18
CA VAL A 121 -13.08 -9.24 -6.73
C VAL A 121 -14.35 -9.77 -6.07
N GLU A 122 -14.24 -10.90 -5.37
CA GLU A 122 -15.32 -11.47 -4.52
C GLU A 122 -15.39 -10.65 -3.23
N ARG A 123 -14.27 -10.52 -2.51
CA ARG A 123 -14.21 -9.69 -1.29
C ARG A 123 -12.77 -9.24 -0.99
N ILE A 124 -12.63 -8.21 -0.16
CA ILE A 124 -11.32 -7.75 0.38
C ILE A 124 -11.34 -7.86 1.90
N GLU A 125 -10.29 -8.46 2.46
CA GLU A 125 -10.11 -8.57 3.93
C GLU A 125 -9.02 -7.58 4.34
N VAL A 126 -9.30 -6.69 5.30
CA VAL A 126 -8.27 -5.84 5.94
C VAL A 126 -8.09 -6.30 7.39
N ILE A 127 -6.88 -6.71 7.73
CA ILE A 127 -6.51 -7.21 9.09
C ILE A 127 -5.45 -6.29 9.65
N ARG A 128 -5.75 -5.60 10.75
CA ARG A 128 -4.91 -4.50 11.28
C ARG A 128 -4.32 -4.92 12.64
N GLY A 129 -3.01 -4.79 12.79
CA GLY A 129 -2.32 -4.83 14.09
C GLY A 129 -2.02 -6.26 14.50
N PRO A 130 -2.26 -6.61 15.78
CA PRO A 130 -1.77 -7.86 16.36
C PRO A 130 -2.31 -9.09 15.61
N ALA A 131 -3.53 -8.99 15.06
CA ALA A 131 -4.18 -10.08 14.29
C ALA A 131 -3.40 -10.37 12.99
N ALA A 132 -2.55 -9.43 12.54
CA ALA A 132 -1.90 -9.48 11.20
C ALA A 132 -0.43 -9.92 11.29
N ALA A 133 0.19 -9.80 12.46
CA ALA A 133 1.60 -10.15 12.74
C ALA A 133 1.91 -11.58 12.26
N ARG A 134 0.93 -12.49 12.37
CA ARG A 134 1.11 -13.93 12.04
C ARG A 134 1.45 -14.08 10.55
N TYR A 135 1.12 -13.09 9.71
CA TYR A 135 1.38 -13.15 8.25
C TYR A 135 2.83 -12.75 7.93
N GLY A 136 3.53 -12.26 8.95
CA GLY A 136 5.00 -12.14 8.95
C GLY A 136 5.43 -10.86 8.28
N ASN A 137 6.32 -10.99 7.30
CA ASN A 137 7.22 -9.91 6.84
C ASN A 137 6.37 -8.83 6.15
N GLY A 138 6.31 -7.66 6.78
CA GLY A 138 5.74 -6.42 6.24
C GLY A 138 4.27 -6.24 6.61
N ALA A 139 3.82 -6.94 7.65
CA ALA A 139 2.44 -6.87 8.17
C ALA A 139 2.39 -6.10 9.49
N ALA A 140 3.41 -5.27 9.75
CA ALA A 140 3.51 -4.42 10.97
C ALA A 140 2.31 -3.47 11.04
N GLY A 141 1.90 -2.90 9.91
CA GLY A 141 0.67 -2.11 9.79
C GLY A 141 -0.54 -3.02 9.71
N GLY A 142 -0.57 -3.87 8.69
CA GLY A 142 -1.56 -4.96 8.57
C GLY A 142 -1.54 -5.62 7.20
N VAL A 143 -2.56 -6.42 6.93
CA VAL A 143 -2.70 -7.23 5.69
C VAL A 143 -3.98 -6.78 5.00
N VAL A 144 -3.89 -6.61 3.68
CA VAL A 144 -5.02 -6.42 2.73
C VAL A 144 -5.00 -7.65 1.82
N ASN A 145 -6.01 -8.52 1.92
CA ASN A 145 -6.10 -9.76 1.11
C ASN A 145 -7.26 -9.62 0.12
N ILE A 146 -6.94 -9.40 -1.16
CA ILE A 146 -7.92 -9.21 -2.26
C ILE A 146 -8.33 -10.60 -2.75
N ILE A 147 -9.59 -10.99 -2.55
CA ILE A 147 -10.05 -12.36 -2.89
C ILE A 147 -10.89 -12.31 -4.17
N THR A 148 -10.56 -13.20 -5.10
CA THR A 148 -11.14 -13.26 -6.47
C THR A 148 -12.40 -14.13 -6.43
N LYS A 149 -13.32 -13.89 -7.36
CA LYS A 149 -14.47 -14.78 -7.61
C LYS A 149 -13.92 -16.10 -8.19
N GLN A 150 -14.38 -17.24 -7.65
CA GLN A 150 -13.86 -18.60 -7.90
C GLN A 150 -14.93 -19.40 -8.68
N ALA A 151 -14.59 -20.64 -9.10
CA ALA A 151 -15.45 -21.51 -9.92
C ALA A 151 -16.67 -21.99 -9.12
N GLY A 152 -17.81 -22.21 -9.80
CA GLY A 152 -19.05 -22.67 -9.16
C GLY A 152 -19.21 -24.18 -9.31
N ALA A 153 -20.43 -24.67 -9.08
CA ALA A 153 -20.87 -26.04 -9.45
C ALA A 153 -21.33 -26.04 -10.91
N GLU A 154 -22.24 -25.12 -11.28
CA GLU A 154 -22.59 -24.75 -12.68
C GLU A 154 -21.52 -23.81 -13.24
N THR A 155 -21.70 -23.34 -14.48
CA THR A 155 -20.80 -22.33 -15.14
C THR A 155 -21.47 -20.96 -15.10
N HIS A 156 -20.74 -19.96 -14.57
CA HIS A 156 -21.16 -18.54 -14.49
C HIS A 156 -20.12 -17.65 -15.17
N GLY A 157 -20.50 -16.41 -15.50
CA GLY A 157 -19.63 -15.39 -16.12
C GLY A 157 -20.27 -14.00 -16.08
N ASN A 158 -19.47 -12.95 -16.28
CA ASN A 158 -19.93 -11.53 -16.20
C ASN A 158 -19.16 -10.67 -17.21
N LEU A 159 -19.75 -9.52 -17.56
CA LEU A 159 -19.13 -8.45 -18.38
C LEU A 159 -19.45 -7.09 -17.74
N SER A 160 -18.41 -6.42 -17.22
CA SER A 160 -18.55 -5.20 -16.40
C SER A 160 -17.85 -4.04 -17.11
N VAL A 161 -18.50 -2.87 -17.12
CA VAL A 161 -18.00 -1.63 -17.79
C VAL A 161 -18.25 -0.48 -16.83
N TYR A 162 -17.27 0.39 -16.64
CA TYR A 162 -17.42 1.62 -15.82
C TYR A 162 -16.72 2.76 -16.56
N SER A 163 -17.24 3.97 -16.39
CA SER A 163 -16.78 5.17 -17.11
C SER A 163 -17.17 6.39 -16.28
N ASN A 164 -16.21 7.23 -15.92
CA ASN A 164 -16.50 8.48 -15.17
C ASN A 164 -16.21 9.70 -16.06
N PHE A 165 -16.67 10.86 -15.61
CA PHE A 165 -16.83 12.12 -16.39
C PHE A 165 -16.61 13.32 -15.47
N PRO A 166 -15.37 13.81 -15.35
CA PRO A 166 -15.06 14.92 -14.44
C PRO A 166 -15.64 16.26 -14.91
N GLN A 167 -16.18 17.06 -13.99
CA GLN A 167 -16.63 18.46 -14.24
C GLN A 167 -15.52 19.27 -14.90
N HIS A 168 -14.34 19.31 -14.29
CA HIS A 168 -13.14 20.08 -14.73
C HIS A 168 -12.27 19.17 -15.61
N LYS A 169 -11.91 19.64 -16.81
CA LYS A 169 -11.26 18.84 -17.88
C LYS A 169 -9.83 18.46 -17.48
N ALA A 170 -9.17 19.35 -16.71
CA ALA A 170 -7.82 19.12 -16.17
C ALA A 170 -7.72 17.68 -15.62
N GLU A 171 -8.69 17.29 -14.79
CA GLU A 171 -8.72 15.99 -14.07
C GLU A 171 -8.97 14.88 -15.08
N GLY A 172 -8.26 13.76 -14.90
CA GLY A 172 -8.30 12.58 -15.77
C GLY A 172 -9.52 11.73 -15.51
N ALA A 173 -10.28 11.45 -16.57
CA ALA A 173 -11.41 10.49 -16.62
C ALA A 173 -10.84 9.07 -16.69
N SER A 174 -11.66 8.08 -16.35
CA SER A 174 -11.28 6.66 -16.19
C SER A 174 -12.32 5.80 -16.91
N GLU A 175 -11.86 4.76 -17.62
CA GLU A 175 -12.73 3.78 -18.35
C GLU A 175 -12.18 2.38 -18.08
N ARG A 176 -13.09 1.41 -17.94
CA ARG A 176 -12.80 0.08 -17.34
C ARG A 176 -13.74 -0.94 -18.01
N MET A 177 -13.19 -2.02 -18.58
CA MET A 177 -13.98 -3.15 -19.14
C MET A 177 -13.32 -4.46 -18.68
N SER A 178 -14.06 -5.30 -17.98
CA SER A 178 -13.53 -6.58 -17.45
C SER A 178 -14.60 -7.66 -17.63
N PHE A 179 -14.18 -8.87 -17.94
CA PHE A 179 -15.06 -10.06 -18.08
C PHE A 179 -14.52 -11.19 -17.20
N GLY A 180 -15.41 -12.09 -16.77
CA GLY A 180 -15.08 -13.31 -16.02
C GLY A 180 -15.89 -14.49 -16.55
N LEU A 181 -15.31 -15.67 -16.47
CA LEU A 181 -15.96 -16.90 -16.98
C LEU A 181 -15.37 -18.10 -16.24
N ASN A 182 -16.22 -18.84 -15.54
CA ASN A 182 -15.82 -20.02 -14.76
C ASN A 182 -16.85 -21.14 -14.89
N GLY A 183 -16.45 -22.36 -14.53
CA GLY A 183 -17.33 -23.56 -14.51
C GLY A 183 -16.55 -24.86 -14.40
N PRO A 184 -17.19 -26.03 -14.61
CA PRO A 184 -16.45 -27.27 -14.75
C PRO A 184 -16.10 -27.55 -16.22
N LEU A 185 -15.00 -28.28 -16.42
CA LEU A 185 -14.67 -29.02 -17.67
C LEU A 185 -15.22 -30.45 -17.56
N THR A 186 -14.90 -31.12 -16.46
CA THR A 186 -15.36 -32.51 -16.13
C THR A 186 -16.16 -32.48 -14.82
N GLU A 187 -16.20 -33.62 -14.12
CA GLU A 187 -16.76 -33.77 -12.75
C GLU A 187 -15.72 -33.30 -11.71
N ASN A 188 -14.44 -33.39 -12.06
CA ASN A 188 -13.30 -33.33 -11.09
C ASN A 188 -12.31 -32.20 -11.48
N LEU A 189 -12.60 -31.47 -12.56
CA LEU A 189 -11.72 -30.41 -13.14
C LEU A 189 -12.56 -29.18 -13.50
N SER A 190 -12.38 -28.09 -12.73
CA SER A 190 -13.00 -26.74 -12.93
C SER A 190 -11.95 -25.76 -13.46
N TYR A 191 -12.40 -24.61 -13.97
CA TYR A 191 -11.59 -23.44 -14.40
C TYR A 191 -12.28 -22.14 -13.97
N ARG A 192 -11.52 -21.06 -13.83
CA ARG A 192 -11.99 -19.65 -13.90
C ARG A 192 -10.97 -18.82 -14.67
N VAL A 193 -11.43 -17.95 -15.56
CA VAL A 193 -10.61 -16.92 -16.25
C VAL A 193 -11.29 -15.57 -16.09
N TYR A 194 -10.49 -14.51 -16.00
CA TYR A 194 -10.92 -13.10 -16.18
C TYR A 194 -9.87 -12.33 -16.99
N GLY A 195 -10.30 -11.22 -17.57
CA GLY A 195 -9.45 -10.30 -18.33
C GLY A 195 -9.98 -8.89 -18.20
N ASN A 196 -9.08 -7.92 -18.04
CA ASN A 196 -9.45 -6.51 -17.83
C ASN A 196 -8.67 -5.64 -18.81
N ILE A 197 -9.34 -4.63 -19.38
CA ILE A 197 -8.71 -3.45 -20.02
C ILE A 197 -9.26 -2.19 -19.37
N ALA A 198 -8.37 -1.29 -18.94
CA ALA A 198 -8.76 -0.02 -18.27
C ALA A 198 -7.72 1.07 -18.59
N LYS A 199 -8.12 2.33 -18.42
CA LYS A 199 -7.25 3.52 -18.59
C LYS A 199 -7.78 4.63 -17.66
N THR A 200 -6.86 5.23 -16.91
CA THR A 200 -7.08 6.48 -16.16
C THR A 200 -6.19 7.54 -16.80
N ASP A 201 -6.80 8.49 -17.51
CA ASP A 201 -6.10 9.66 -18.09
C ASP A 201 -5.38 10.40 -16.96
N SER A 202 -4.18 10.92 -17.24
CA SER A 202 -3.40 11.76 -16.29
C SER A 202 -4.16 13.05 -16.06
N ASP A 203 -3.91 13.74 -14.94
CA ASP A 203 -4.28 15.17 -14.80
C ASP A 203 -3.47 15.96 -15.83
N ASP A 204 -4.04 17.04 -16.36
CA ASP A 204 -3.32 17.98 -17.27
C ASP A 204 -2.07 18.46 -16.55
N TRP A 205 -1.03 18.71 -17.35
CA TRP A 205 0.35 19.10 -16.95
C TRP A 205 0.32 20.35 -16.06
N ASP A 206 -0.74 21.16 -16.15
CA ASP A 206 -0.77 22.54 -15.59
C ASP A 206 -1.88 22.66 -14.54
N ILE A 207 -2.49 21.55 -14.12
CA ILE A 207 -3.66 21.55 -13.19
C ILE A 207 -3.32 22.32 -11.90
N ASN A 208 -2.04 22.39 -11.51
CA ASN A 208 -1.62 22.97 -10.20
C ASN A 208 -1.14 24.41 -10.41
N ALA A 209 -1.31 24.96 -11.63
CA ALA A 209 -0.92 26.34 -12.01
C ALA A 209 -1.75 27.34 -11.18
N GLY A 210 -1.06 28.29 -10.52
CA GLY A 210 -1.70 29.28 -9.63
C GLY A 210 -1.84 28.79 -8.21
N HIS A 211 -1.53 27.51 -7.95
CA HIS A 211 -1.57 26.90 -6.60
C HIS A 211 -0.17 26.50 -6.12
N GLU A 212 0.78 26.42 -7.05
CA GLU A 212 2.19 26.02 -6.79
C GLU A 212 2.80 26.94 -5.72
N SER A 213 3.75 26.39 -4.95
CA SER A 213 4.65 27.14 -4.04
C SER A 213 5.48 28.18 -4.82
N ASN A 214 5.90 29.24 -4.13
CA ASN A 214 6.77 30.32 -4.68
C ASN A 214 8.00 29.68 -5.33
N ARG A 215 8.24 29.98 -6.62
CA ARG A 215 9.36 29.42 -7.41
C ARG A 215 10.08 30.56 -8.13
N THR A 216 11.36 30.74 -7.80
CA THR A 216 12.17 31.93 -8.20
C THR A 216 13.54 31.47 -8.72
N GLY A 217 14.23 32.37 -9.42
CA GLY A 217 15.53 32.12 -10.08
C GLY A 217 15.41 31.06 -11.16
N LYS A 218 16.35 30.12 -11.18
CA LYS A 218 16.42 29.06 -12.23
C LYS A 218 15.13 28.23 -12.21
N GLN A 219 14.41 28.19 -11.07
CA GLN A 219 13.26 27.26 -10.88
C GLN A 219 11.94 27.96 -11.21
N ALA A 220 12.00 29.26 -11.54
CA ALA A 220 10.81 30.03 -11.95
C ALA A 220 10.12 29.26 -13.09
N GLY A 221 8.78 29.11 -13.00
CA GLY A 221 7.98 28.46 -14.04
C GLY A 221 7.70 26.99 -13.73
N THR A 222 8.49 26.35 -12.87
CA THR A 222 8.35 24.90 -12.53
C THR A 222 6.97 24.62 -11.91
N LEU A 223 6.46 23.40 -12.05
CA LEU A 223 5.11 23.01 -11.55
C LEU A 223 5.18 21.69 -10.79
N PRO A 224 4.46 21.58 -9.65
CA PRO A 224 4.13 20.29 -9.07
C PRO A 224 3.01 19.66 -9.90
N ALA A 225 3.16 18.36 -10.16
CA ALA A 225 2.34 17.59 -11.12
C ALA A 225 1.04 17.13 -10.45
N GLY A 226 0.02 16.89 -11.25
CA GLY A 226 -1.19 16.17 -10.82
C GLY A 226 -0.96 14.66 -10.86
N ARG A 227 -2.05 13.90 -10.84
CA ARG A 227 -2.03 12.42 -10.81
C ARG A 227 -1.55 11.88 -12.15
N GLU A 228 -0.54 11.03 -12.09
CA GLU A 228 -0.12 10.11 -13.18
C GLU A 228 -1.34 9.35 -13.69
N GLY A 229 -1.46 9.14 -14.99
CA GLY A 229 -2.45 8.22 -15.58
C GLY A 229 -1.87 6.83 -15.66
N VAL A 230 -2.67 5.83 -15.99
CA VAL A 230 -2.22 4.42 -16.16
C VAL A 230 -3.10 3.73 -17.19
N ARG A 231 -2.51 2.85 -18.01
CA ARG A 231 -3.21 1.87 -18.87
C ARG A 231 -2.97 0.47 -18.30
N ASN A 232 -4.04 -0.29 -18.13
CA ASN A 232 -4.01 -1.66 -17.52
C ASN A 232 -4.32 -2.71 -18.58
N LYS A 233 -3.67 -3.88 -18.49
CA LYS A 233 -4.07 -5.13 -19.19
C LYS A 233 -3.85 -6.31 -18.23
N ASP A 234 -4.93 -6.93 -17.77
CA ASP A 234 -4.87 -8.06 -16.81
C ASP A 234 -5.53 -9.26 -17.48
N ILE A 235 -4.89 -10.43 -17.38
CA ILE A 235 -5.41 -11.74 -17.83
C ILE A 235 -4.99 -12.76 -16.77
N ASP A 236 -5.97 -13.46 -16.17
CA ASP A 236 -5.69 -14.59 -15.25
C ASP A 236 -6.44 -15.83 -15.75
N GLY A 237 -5.76 -16.97 -15.71
CA GLY A 237 -6.33 -18.30 -15.90
C GLY A 237 -6.06 -19.18 -14.69
N LEU A 238 -7.08 -19.91 -14.25
CA LEU A 238 -7.00 -20.90 -13.15
C LEU A 238 -7.66 -22.21 -13.61
N LEU A 239 -7.02 -23.34 -13.32
CA LEU A 239 -7.59 -24.72 -13.35
C LEU A 239 -7.58 -25.28 -11.92
N SER A 240 -8.77 -25.68 -11.42
CA SER A 240 -8.94 -26.52 -10.20
C SER A 240 -9.07 -27.98 -10.62
N TRP A 241 -8.29 -28.87 -9.99
CA TRP A 241 -8.31 -30.33 -10.25
C TRP A 241 -8.56 -31.05 -8.92
N ARG A 242 -9.76 -31.60 -8.76
CA ARG A 242 -10.14 -32.45 -7.59
C ARG A 242 -9.74 -33.89 -7.89
N LEU A 243 -8.53 -34.27 -7.46
CA LEU A 243 -7.90 -35.58 -7.76
C LEU A 243 -8.65 -36.68 -7.00
N THR A 244 -8.96 -36.42 -5.73
CA THR A 244 -9.79 -37.32 -4.88
C THR A 244 -10.85 -36.46 -4.18
N PRO A 245 -11.89 -37.10 -3.58
CA PRO A 245 -12.82 -36.38 -2.70
C PRO A 245 -12.13 -35.35 -1.78
N GLU A 246 -10.98 -35.69 -1.19
CA GLU A 246 -10.36 -34.88 -0.10
C GLU A 246 -9.06 -34.21 -0.58
N GLN A 247 -8.92 -34.03 -1.91
CA GLN A 247 -7.71 -33.40 -2.52
C GLN A 247 -8.12 -32.52 -3.71
N THR A 248 -7.77 -31.23 -3.62
CA THR A 248 -7.84 -30.26 -4.73
C THR A 248 -6.41 -29.81 -5.10
N LEU A 249 -6.15 -29.66 -6.40
CA LEU A 249 -4.88 -29.11 -6.95
C LEU A 249 -5.18 -27.97 -7.92
N GLU A 250 -4.68 -26.77 -7.60
CA GLU A 250 -4.95 -25.51 -8.37
C GLU A 250 -3.68 -25.08 -9.10
N PHE A 251 -3.80 -24.77 -10.40
CA PHE A 251 -2.78 -24.10 -11.24
C PHE A 251 -3.33 -22.76 -11.75
N GLU A 252 -2.62 -21.65 -11.52
CA GLU A 252 -3.00 -20.38 -12.17
C GLU A 252 -1.75 -19.63 -12.66
N ALA A 253 -1.92 -18.94 -13.78
CA ALA A 253 -0.97 -17.98 -14.35
C ALA A 253 -1.63 -16.60 -14.43
N GLY A 254 -0.87 -15.54 -14.17
CA GLY A 254 -1.34 -14.16 -14.26
C GLY A 254 -0.40 -13.33 -15.10
N PHE A 255 -0.95 -12.57 -16.06
CA PHE A 255 -0.21 -11.59 -16.87
C PHE A 255 -0.89 -10.23 -16.73
N SER A 256 -0.18 -9.23 -16.16
CA SER A 256 -0.64 -7.82 -16.09
C SER A 256 0.43 -6.91 -16.70
N ARG A 257 0.02 -5.73 -17.18
CA ARG A 257 0.85 -4.65 -17.76
C ARG A 257 0.23 -3.28 -17.41
N GLN A 258 0.98 -2.45 -16.69
CA GLN A 258 0.64 -1.03 -16.44
C GLN A 258 1.68 -0.19 -17.17
N GLY A 259 1.23 0.67 -18.07
CA GLY A 259 2.04 1.77 -18.60
C GLY A 259 1.46 3.09 -18.15
N ASN A 260 2.30 4.00 -17.68
CA ASN A 260 1.83 5.29 -17.14
C ASN A 260 1.56 6.24 -18.30
N ILE A 261 0.93 7.37 -17.96
CA ILE A 261 0.82 8.60 -18.81
C ILE A 261 1.43 9.76 -18.00
N TYR A 262 2.61 10.23 -18.41
CA TYR A 262 3.44 11.16 -17.62
C TYR A 262 2.80 12.55 -17.65
N THR A 263 2.71 13.23 -16.51
CA THR A 263 2.22 14.64 -16.41
C THR A 263 3.19 15.50 -15.56
N GLY A 264 4.50 15.25 -15.62
CA GLY A 264 5.55 16.22 -15.23
C GLY A 264 6.14 15.96 -13.87
N ASP A 265 5.63 14.96 -13.14
CA ASP A 265 6.09 14.63 -11.77
C ASP A 265 7.62 14.43 -11.80
N THR A 266 8.33 15.02 -10.83
CA THR A 266 9.75 14.75 -10.52
C THR A 266 9.95 14.79 -9.01
N GLN A 267 10.91 14.04 -8.46
CA GLN A 267 11.10 13.98 -6.98
C GLN A 267 11.02 15.38 -6.38
N ASN A 268 11.79 16.34 -6.88
CA ASN A 268 11.96 17.65 -6.20
C ASN A 268 11.11 18.74 -6.86
N THR A 269 10.41 18.40 -7.96
CA THR A 269 9.53 19.34 -8.73
C THR A 269 10.37 20.37 -9.48
N ASN A 270 11.61 20.00 -9.81
CA ASN A 270 12.44 20.64 -10.87
C ASN A 270 11.98 20.13 -12.24
N SER A 271 12.37 20.83 -13.31
CA SER A 271 11.93 20.53 -14.69
C SER A 271 13.14 20.59 -15.63
N ASN A 272 12.99 20.01 -16.82
CA ASN A 272 13.97 20.10 -17.93
C ASN A 272 13.29 19.61 -19.20
N ASN A 273 13.80 20.01 -20.38
CA ASN A 273 13.12 19.82 -21.69
C ASN A 273 12.69 18.37 -21.87
N TYR A 274 13.54 17.42 -21.45
CA TYR A 274 13.27 15.96 -21.52
C TYR A 274 11.95 15.64 -20.80
N VAL A 275 11.80 16.12 -19.56
CA VAL A 275 10.51 16.09 -18.81
C VAL A 275 9.39 16.55 -19.74
N LYS A 276 9.54 17.72 -20.36
CA LYS A 276 8.45 18.39 -21.12
C LYS A 276 8.18 17.60 -22.41
N GLN A 277 9.23 17.07 -23.04
CA GLN A 277 9.13 16.18 -24.22
C GLN A 277 8.18 15.01 -23.92
N MET A 278 8.11 14.57 -22.66
CA MET A 278 7.49 13.25 -22.30
C MET A 278 6.08 13.49 -21.76
N LEU A 279 5.63 14.74 -21.61
CA LEU A 279 4.23 15.03 -21.19
C LEU A 279 3.27 14.29 -22.13
N GLY A 280 2.49 13.35 -21.59
CA GLY A 280 1.44 12.63 -22.33
C GLY A 280 1.90 11.27 -22.80
N HIS A 281 3.16 10.93 -22.53
CA HIS A 281 3.86 9.70 -23.01
C HIS A 281 4.08 8.73 -21.84
N GLU A 282 4.22 7.45 -22.18
CA GLU A 282 4.63 6.35 -21.30
C GLU A 282 6.12 6.48 -21.00
N THR A 283 6.48 6.67 -19.72
CA THR A 283 7.86 6.82 -19.19
C THR A 283 8.19 5.68 -18.22
N ASN A 284 7.17 4.95 -17.75
CA ASN A 284 7.36 3.66 -17.04
C ASN A 284 6.31 2.64 -17.50
N ARG A 285 6.74 1.39 -17.62
CA ARG A 285 5.84 0.22 -17.83
C ARG A 285 6.26 -0.88 -16.86
N MET A 286 5.27 -1.41 -16.11
CA MET A 286 5.41 -2.57 -15.21
C MET A 286 4.69 -3.75 -15.87
N TYR A 287 5.43 -4.80 -16.19
CA TYR A 287 4.89 -6.15 -16.51
C TYR A 287 4.95 -6.98 -15.23
N ARG A 288 3.81 -7.54 -14.79
CA ARG A 288 3.75 -8.48 -13.64
C ARG A 288 3.23 -9.81 -14.14
N GLU A 289 4.05 -10.85 -13.97
CA GLU A 289 3.71 -12.27 -14.33
C GLU A 289 3.73 -13.14 -13.08
N THR A 290 2.63 -13.87 -12.83
CA THR A 290 2.47 -14.80 -11.68
C THR A 290 2.11 -16.18 -12.21
N TYR A 291 2.81 -17.22 -11.75
CA TYR A 291 2.38 -18.64 -11.88
C TYR A 291 2.28 -19.18 -10.46
N SER A 292 1.28 -20.00 -10.18
CA SER A 292 1.03 -20.51 -8.80
C SER A 292 0.51 -21.94 -8.89
N VAL A 293 1.07 -22.80 -8.05
CA VAL A 293 0.57 -24.18 -7.79
C VAL A 293 0.10 -24.22 -6.34
N THR A 294 -1.15 -24.64 -6.13
CA THR A 294 -1.81 -24.75 -4.80
C THR A 294 -2.47 -26.12 -4.71
N HIS A 295 -2.09 -26.88 -3.68
CA HIS A 295 -2.71 -28.17 -3.27
C HIS A 295 -3.50 -27.93 -1.97
N ARG A 296 -4.78 -28.28 -1.98
CA ARG A 296 -5.71 -28.07 -0.83
C ARG A 296 -6.27 -29.41 -0.36
N GLY A 297 -6.02 -29.77 0.91
CA GLY A 297 -6.36 -31.09 1.49
C GLY A 297 -7.37 -30.98 2.62
N GLU A 298 -8.33 -31.92 2.63
CA GLU A 298 -9.53 -31.93 3.52
C GLU A 298 -9.83 -33.37 3.94
N TRP A 299 -9.46 -33.76 5.16
CA TRP A 299 -9.64 -35.15 5.66
C TRP A 299 -10.06 -35.14 7.14
N ASP A 300 -10.16 -36.34 7.74
CA ASP A 300 -10.82 -36.59 9.04
C ASP A 300 -10.08 -35.83 10.14
N PHE A 301 -8.76 -36.00 10.22
CA PHE A 301 -7.90 -35.47 11.30
C PHE A 301 -7.96 -33.94 11.31
N GLY A 302 -7.90 -33.32 10.13
CA GLY A 302 -7.89 -31.85 9.95
C GLY A 302 -7.80 -31.45 8.49
N SER A 303 -7.05 -30.36 8.20
CA SER A 303 -7.00 -29.69 6.87
C SER A 303 -5.55 -29.33 6.51
N SER A 304 -5.24 -29.25 5.21
CA SER A 304 -3.91 -28.83 4.69
C SER A 304 -4.08 -27.81 3.56
N LEU A 305 -3.10 -26.90 3.45
CA LEU A 305 -2.86 -26.02 2.28
C LEU A 305 -1.34 -25.82 2.10
N ALA A 306 -0.87 -25.83 0.86
CA ALA A 306 0.52 -25.46 0.48
C ALA A 306 0.56 -24.91 -0.95
N TYR A 307 1.39 -23.88 -1.20
CA TYR A 307 1.41 -23.21 -2.52
C TYR A 307 2.85 -22.84 -2.87
N LEU A 308 3.09 -22.80 -4.18
CA LEU A 308 4.27 -22.22 -4.84
C LEU A 308 3.81 -21.06 -5.73
N GLN A 309 4.26 -19.84 -5.43
CA GLN A 309 4.08 -18.67 -6.34
C GLN A 309 5.45 -18.21 -6.86
N TYR A 310 5.54 -18.03 -8.18
CA TYR A 310 6.65 -17.32 -8.88
C TYR A 310 6.10 -16.03 -9.47
N GLU A 311 6.48 -14.91 -8.86
CA GLU A 311 6.18 -13.52 -9.32
C GLU A 311 7.41 -12.97 -10.03
N LYS A 312 7.28 -12.57 -11.28
CA LYS A 312 8.37 -11.91 -12.06
C LYS A 312 7.91 -10.51 -12.47
N THR A 313 8.53 -9.48 -11.94
CA THR A 313 8.18 -8.08 -12.27
C THR A 313 9.29 -7.46 -13.12
N ARG A 314 8.94 -6.89 -14.27
CA ARG A 314 9.85 -6.03 -15.09
C ARG A 314 9.41 -4.55 -14.97
N ASN A 315 10.26 -3.74 -14.35
CA ASN A 315 10.04 -2.31 -14.09
C ASN A 315 10.85 -1.52 -15.13
N SER A 316 10.28 -1.20 -16.29
CA SER A 316 11.01 -0.48 -17.36
C SER A 316 10.68 1.00 -17.30
N ARG A 317 11.67 1.85 -17.02
CA ARG A 317 11.42 3.31 -17.01
C ARG A 317 12.69 4.06 -17.40
N ILE A 318 12.58 5.38 -17.48
CA ILE A 318 13.61 6.29 -18.06
C ILE A 318 14.64 6.58 -16.96
N ASN A 319 15.91 6.59 -17.33
CA ASN A 319 17.05 6.79 -16.39
C ASN A 319 16.85 8.11 -15.65
N GLU A 320 17.13 8.10 -14.35
CA GLU A 320 17.12 9.27 -13.43
C GLU A 320 18.44 9.31 -12.66
N GLY A 321 18.90 10.51 -12.30
CA GLY A 321 20.06 10.74 -11.42
C GLY A 321 19.79 10.37 -9.97
N LEU A 322 20.83 10.35 -9.15
CA LEU A 322 20.85 9.69 -7.82
C LEU A 322 21.50 10.64 -6.82
N ALA A 323 21.67 11.90 -7.22
CA ALA A 323 22.41 12.93 -6.45
C ALA A 323 21.58 14.22 -6.33
N GLY A 324 21.29 14.61 -5.08
CA GLY A 324 20.74 15.93 -4.71
C GLY A 324 19.45 16.23 -5.44
N GLY A 325 19.40 17.40 -6.08
CA GLY A 325 18.28 17.83 -6.94
C GLY A 325 18.15 16.98 -8.21
N THR A 326 19.16 16.16 -8.53
CA THR A 326 19.10 15.27 -9.73
C THR A 326 18.55 13.90 -9.34
N GLU A 327 18.30 13.66 -8.04
CA GLU A 327 17.64 12.41 -7.58
C GLU A 327 16.16 12.48 -7.98
N GLY A 328 15.77 11.70 -8.99
CA GLY A 328 14.37 11.46 -9.38
C GLY A 328 13.91 12.41 -10.46
N ILE A 329 14.81 12.83 -11.35
CA ILE A 329 14.42 13.52 -12.61
C ILE A 329 15.00 12.73 -13.78
N PHE A 330 14.31 12.75 -14.92
CA PHE A 330 14.81 12.20 -16.21
C PHE A 330 16.19 12.80 -16.49
N ASP A 331 17.21 11.94 -16.62
CA ASP A 331 18.63 12.34 -16.84
C ASP A 331 18.86 12.49 -18.33
N PRO A 332 19.08 13.73 -18.83
CA PRO A 332 19.12 14.00 -20.28
C PRO A 332 20.42 13.51 -20.95
N ASN A 333 21.49 13.28 -20.17
CA ASN A 333 22.83 12.83 -20.65
C ASN A 333 22.83 11.32 -20.92
N ASN A 334 21.91 10.60 -20.30
CA ASN A 334 21.78 9.12 -20.32
C ASN A 334 20.34 8.77 -20.73
N ALA A 335 19.84 9.41 -21.79
CA ALA A 335 18.44 9.25 -22.28
C ALA A 335 18.16 7.76 -22.52
N GLY A 336 16.89 7.37 -22.38
CA GLY A 336 16.40 6.03 -22.73
C GLY A 336 16.03 5.23 -21.50
N PHE A 337 15.47 4.05 -21.73
CA PHE A 337 14.86 3.14 -20.71
C PHE A 337 15.95 2.20 -20.17
N TYR A 338 15.98 1.95 -18.86
CA TYR A 338 16.51 0.69 -18.27
C TYR A 338 15.35 -0.22 -17.85
N THR A 339 15.64 -1.42 -17.39
CA THR A 339 14.65 -2.39 -16.88
C THR A 339 15.18 -2.99 -15.59
N ALA A 340 14.48 -2.78 -14.47
CA ALA A 340 14.72 -3.48 -13.19
C ALA A 340 13.87 -4.76 -13.18
N THR A 341 14.46 -5.85 -12.71
CA THR A 341 13.81 -7.18 -12.73
C THR A 341 13.72 -7.71 -11.30
N LEU A 342 12.51 -8.05 -10.89
CA LEU A 342 12.22 -8.64 -9.57
C LEU A 342 11.68 -10.04 -9.82
N ARG A 343 12.45 -11.04 -9.39
CA ARG A 343 12.04 -12.46 -9.34
C ARG A 343 11.76 -12.77 -7.87
N ASP A 344 10.50 -13.02 -7.56
CA ASP A 344 10.04 -13.30 -6.18
C ASP A 344 9.43 -14.70 -6.16
N LEU A 345 9.88 -15.50 -5.22
CA LEU A 345 9.54 -16.94 -5.09
C LEU A 345 8.92 -17.13 -3.71
N THR A 346 7.70 -17.69 -3.63
CA THR A 346 7.02 -17.93 -2.35
C THR A 346 6.48 -19.36 -2.32
N ALA A 347 6.80 -20.08 -1.25
CA ALA A 347 6.26 -21.41 -0.92
C ALA A 347 5.83 -21.40 0.54
N HIS A 348 4.69 -22.04 0.83
CA HIS A 348 4.01 -22.00 2.16
C HIS A 348 3.30 -23.33 2.38
N GLY A 349 3.48 -23.94 3.57
CA GLY A 349 2.73 -25.14 3.98
C GLY A 349 2.07 -24.95 5.34
N GLU A 350 0.81 -25.35 5.45
CA GLU A 350 0.04 -25.31 6.75
C GLU A 350 -0.84 -26.56 6.90
N VAL A 351 -0.96 -27.06 8.13
CA VAL A 351 -1.97 -28.07 8.55
C VAL A 351 -2.69 -27.54 9.79
N ASN A 352 -4.02 -27.74 9.83
CA ASN A 352 -4.91 -27.36 10.95
C ASN A 352 -5.52 -28.63 11.56
N LEU A 353 -5.49 -28.73 12.89
CA LEU A 353 -5.80 -29.97 13.66
C LEU A 353 -6.81 -29.65 14.76
N PRO A 354 -8.11 -29.97 14.59
CA PRO A 354 -9.03 -30.12 15.73
C PRO A 354 -8.37 -30.96 16.84
N LEU A 355 -8.47 -30.51 18.09
CA LEU A 355 -7.84 -31.19 19.26
C LEU A 355 -8.79 -31.14 20.46
N HIS A 356 -9.03 -32.29 21.10
CA HIS A 356 -9.90 -32.46 22.29
C HIS A 356 -9.04 -32.74 23.52
N LEU A 357 -9.22 -31.94 24.57
CA LEU A 357 -8.33 -31.84 25.76
C LEU A 357 -9.14 -31.19 26.89
N GLY A 358 -8.46 -30.84 28.00
CA GLY A 358 -9.02 -30.01 29.08
C GLY A 358 -9.76 -28.80 28.54
N TYR A 359 -9.41 -28.40 27.31
CA TYR A 359 -10.10 -27.34 26.51
C TYR A 359 -10.21 -27.77 25.04
N GLU A 360 -11.39 -27.56 24.45
CA GLU A 360 -11.65 -27.64 22.98
C GLU A 360 -10.79 -26.58 22.27
N GLN A 361 -9.72 -26.99 21.58
CA GLN A 361 -8.73 -26.08 20.92
C GLN A 361 -8.60 -26.46 19.44
N THR A 362 -7.80 -25.71 18.68
CA THR A 362 -7.30 -26.10 17.32
C THR A 362 -5.86 -25.61 17.13
N LEU A 363 -4.99 -26.51 16.70
CA LEU A 363 -3.55 -26.26 16.39
C LEU A 363 -3.38 -26.14 14.87
N THR A 364 -2.76 -25.05 14.41
CA THR A 364 -2.27 -24.90 13.00
C THR A 364 -0.74 -24.78 13.03
N LEU A 365 -0.08 -25.57 12.18
CA LEU A 365 1.40 -25.65 12.07
C LEU A 365 1.78 -25.33 10.63
N GLY A 366 2.91 -24.63 10.45
CA GLY A 366 3.29 -24.03 9.15
C GLY A 366 4.77 -23.73 9.01
N SER A 367 5.29 -23.94 7.80
CA SER A 367 6.55 -23.37 7.27
C SER A 367 6.21 -22.28 6.24
N GLU A 368 7.16 -21.38 5.98
CA GLU A 368 7.15 -20.47 4.80
C GLU A 368 8.58 -20.27 4.30
N TRP A 369 8.74 -20.23 2.98
CA TRP A 369 10.01 -19.88 2.28
C TRP A 369 9.74 -18.80 1.22
N THR A 370 10.54 -17.74 1.24
CA THR A 370 10.51 -16.65 0.21
C THR A 370 11.93 -16.35 -0.26
N GLU A 371 12.07 -16.02 -1.56
CA GLU A 371 13.32 -15.51 -2.17
C GLU A 371 12.97 -14.29 -3.03
N GLN A 372 13.63 -13.17 -2.76
CA GLN A 372 13.54 -11.92 -3.56
C GLN A 372 14.87 -11.69 -4.27
N LYS A 373 14.96 -11.93 -5.57
CA LYS A 373 16.11 -11.48 -6.42
C LYS A 373 15.73 -10.16 -7.09
N LEU A 374 16.56 -9.13 -6.93
CA LEU A 374 16.41 -7.81 -7.60
C LEU A 374 17.62 -7.56 -8.51
N ASP A 375 17.34 -7.40 -9.80
CA ASP A 375 18.30 -6.86 -10.80
C ASP A 375 17.90 -5.40 -11.13
N ASP A 376 18.74 -4.46 -10.71
CA ASP A 376 18.57 -3.00 -10.95
C ASP A 376 19.83 -2.43 -11.59
N PRO A 377 19.85 -2.18 -12.91
CA PRO A 377 21.04 -1.66 -13.58
C PRO A 377 21.25 -0.14 -13.44
N SER A 378 20.55 0.53 -12.53
CA SER A 378 20.44 2.02 -12.52
C SER A 378 20.72 2.55 -11.11
N SER A 379 20.26 1.86 -10.07
CA SER A 379 20.36 2.30 -8.65
C SER A 379 21.80 2.30 -8.16
N ASN A 380 22.68 1.48 -8.75
CA ASN A 380 23.98 1.12 -8.13
C ASN A 380 25.12 1.81 -8.89
N THR A 381 24.86 2.96 -9.52
CA THR A 381 25.72 3.55 -10.57
C THR A 381 26.24 4.92 -10.15
N GLN A 382 25.90 5.40 -8.95
CA GLN A 382 26.50 6.64 -8.38
C GLN A 382 28.01 6.45 -8.21
N ASN A 383 28.81 7.33 -8.83
CA ASN A 383 30.29 7.27 -8.76
C ASN A 383 30.78 8.29 -7.72
N THR A 384 32.06 8.18 -7.36
CA THR A 384 32.63 8.76 -6.12
C THR A 384 33.64 9.84 -6.50
N GLU A 385 33.57 10.34 -7.73
CA GLU A 385 34.49 11.37 -8.25
C GLU A 385 34.41 12.63 -7.38
N GLU A 386 33.23 13.23 -7.27
CA GLU A 386 33.00 14.57 -6.70
C GLU A 386 33.20 14.51 -5.17
N GLY A 387 32.79 13.43 -4.51
CA GLY A 387 32.72 13.38 -3.03
C GLY A 387 33.92 12.68 -2.41
N GLY A 388 34.76 12.06 -3.24
CA GLY A 388 35.85 11.17 -2.78
C GLY A 388 35.36 9.75 -2.56
N SER A 389 36.30 8.80 -2.56
CA SER A 389 36.07 7.34 -2.60
C SER A 389 35.74 6.79 -1.20
N ILE A 390 35.04 5.65 -1.17
CA ILE A 390 34.52 4.97 0.05
C ILE A 390 35.22 3.62 0.18
N PRO A 391 36.03 3.44 1.25
CA PRO A 391 36.61 2.14 1.55
C PRO A 391 35.54 1.03 1.49
N GLY A 392 35.74 0.04 0.63
CA GLY A 392 34.81 -1.09 0.46
C GLY A 392 33.88 -0.92 -0.73
N LEU A 393 33.84 0.25 -1.37
CA LEU A 393 32.86 0.53 -2.43
C LEU A 393 33.59 0.92 -3.72
N ALA A 394 33.50 0.10 -4.77
CA ALA A 394 33.94 0.44 -6.13
C ALA A 394 33.14 1.64 -6.64
N GLY A 395 33.78 2.63 -7.24
CA GLY A 395 33.16 3.81 -7.86
C GLY A 395 32.38 3.50 -9.14
N LYS A 396 32.77 2.43 -9.86
CA LYS A 396 32.21 2.05 -11.20
C LYS A 396 31.97 0.53 -11.28
N ASN A 397 30.96 0.13 -12.06
CA ASN A 397 30.58 -1.28 -12.36
C ASN A 397 30.44 -2.09 -11.07
N ARG A 398 29.72 -1.55 -10.07
CA ARG A 398 29.18 -2.31 -8.92
C ARG A 398 28.10 -3.28 -9.41
N SER A 399 27.94 -4.40 -8.70
CA SER A 399 26.89 -5.42 -9.01
C SER A 399 25.53 -4.74 -9.17
N SER A 400 24.67 -5.33 -10.02
CA SER A 400 23.24 -4.93 -10.23
C SER A 400 22.35 -5.72 -9.26
N SER A 401 22.90 -6.71 -8.57
CA SER A 401 22.14 -7.83 -7.98
C SER A 401 22.01 -7.67 -6.45
N SER A 402 20.81 -7.89 -5.93
CA SER A 402 20.50 -8.02 -4.49
C SER A 402 19.51 -9.17 -4.32
N SER A 403 19.44 -9.74 -3.13
CA SER A 403 18.62 -10.94 -2.86
C SER A 403 18.52 -11.16 -1.36
N ALA A 404 17.40 -11.70 -0.89
CA ALA A 404 17.20 -12.05 0.52
C ALA A 404 16.28 -13.27 0.57
N ARG A 405 16.64 -14.24 1.41
CA ARG A 405 15.76 -15.40 1.67
C ARG A 405 15.35 -15.34 3.14
N ILE A 406 14.05 -15.50 3.42
CA ILE A 406 13.52 -15.75 4.80
C ILE A 406 13.01 -17.19 4.84
N PHE A 407 13.45 -18.00 5.81
CA PHE A 407 12.75 -19.25 6.21
C PHE A 407 11.99 -19.01 7.51
N SER A 408 10.77 -19.55 7.58
CA SER A 408 9.74 -19.26 8.61
C SER A 408 9.07 -20.57 9.06
N LEU A 409 8.99 -20.75 10.39
CA LEU A 409 8.12 -21.77 11.06
C LEU A 409 7.14 -21.03 11.97
N PHE A 410 5.94 -21.57 12.14
CA PHE A 410 4.87 -20.98 12.98
C PHE A 410 3.86 -22.06 13.39
N ALA A 411 3.26 -21.89 14.57
CA ALA A 411 2.04 -22.59 15.07
C ALA A 411 1.11 -21.59 15.73
N GLU A 412 -0.19 -21.71 15.51
CA GLU A 412 -1.23 -20.87 16.16
C GLU A 412 -2.21 -21.83 16.85
N ASP A 413 -2.53 -21.55 18.12
CA ASP A 413 -3.49 -22.34 18.91
C ASP A 413 -4.71 -21.48 19.26
N ASN A 414 -5.86 -21.89 18.70
CA ASN A 414 -7.15 -21.19 18.75
C ASN A 414 -8.05 -21.88 19.81
N ILE A 415 -7.89 -21.44 21.06
CA ILE A 415 -8.35 -22.19 22.27
C ILE A 415 -9.68 -21.59 22.76
N GLU A 416 -10.76 -22.37 22.66
CA GLU A 416 -12.03 -22.18 23.41
C GLU A 416 -11.84 -22.63 24.87
N LEU A 417 -11.71 -21.67 25.79
CA LEU A 417 -11.72 -21.88 27.27
C LEU A 417 -13.15 -22.20 27.75
N MET A 418 -14.14 -21.54 27.11
CA MET A 418 -15.59 -21.67 27.43
C MET A 418 -16.38 -20.94 26.35
N PRO A 419 -17.58 -21.42 25.96
CA PRO A 419 -18.34 -20.80 24.87
C PRO A 419 -18.39 -19.27 25.00
N GLY A 420 -17.99 -18.56 23.93
CA GLY A 420 -17.94 -17.08 23.89
C GLY A 420 -16.51 -16.55 23.95
N THR A 421 -15.61 -17.29 24.60
CA THR A 421 -14.19 -16.91 24.82
C THR A 421 -13.27 -17.76 23.93
N MET A 422 -12.51 -17.10 23.05
CA MET A 422 -11.34 -17.69 22.33
C MET A 422 -10.05 -17.01 22.81
N LEU A 423 -9.06 -17.81 23.19
CA LEU A 423 -7.66 -17.34 23.39
C LEU A 423 -6.80 -17.99 22.31
N THR A 424 -6.08 -17.16 21.56
CA THR A 424 -5.29 -17.57 20.37
C THR A 424 -3.85 -17.10 20.54
N PRO A 425 -2.97 -17.92 21.16
CA PRO A 425 -1.53 -17.70 21.12
C PRO A 425 -0.89 -18.37 19.91
N GLY A 426 0.08 -17.67 19.31
CA GLY A 426 0.87 -18.12 18.15
C GLY A 426 2.33 -17.68 18.28
N LEU A 427 3.24 -18.50 17.77
CA LEU A 427 4.68 -18.19 17.70
C LEU A 427 5.05 -18.28 16.23
N ARG A 428 5.65 -17.21 15.71
CA ARG A 428 6.35 -17.22 14.40
C ARG A 428 7.84 -17.00 14.65
N TRP A 429 8.67 -17.85 14.04
CA TRP A 429 10.15 -17.72 13.94
C TRP A 429 10.50 -17.55 12.46
N ASP A 430 11.37 -16.58 12.17
CA ASP A 430 11.87 -16.28 10.81
C ASP A 430 13.40 -16.26 10.84
N HIS A 431 14.05 -16.96 9.92
CA HIS A 431 15.51 -16.86 9.65
C HIS A 431 15.70 -16.09 8.34
N HIS A 432 16.13 -14.83 8.47
CA HIS A 432 16.62 -13.96 7.37
C HIS A 432 18.10 -14.26 7.16
N ASP A 433 18.48 -14.57 5.93
CA ASP A 433 19.81 -15.12 5.56
C ASP A 433 20.89 -14.03 5.62
N ILE A 434 20.54 -12.81 6.00
CA ILE A 434 21.55 -11.73 6.25
C ILE A 434 21.36 -11.22 7.67
N VAL A 435 20.15 -10.78 7.97
CA VAL A 435 19.77 -9.95 9.16
C VAL A 435 19.76 -10.84 10.41
N GLY A 436 19.38 -12.11 10.24
CA GLY A 436 19.46 -13.13 11.30
C GLY A 436 18.08 -13.61 11.71
N ASP A 437 17.92 -13.94 12.99
CA ASP A 437 16.72 -14.63 13.53
C ASP A 437 15.74 -13.55 14.05
N ASN A 438 14.46 -13.75 13.78
CA ASN A 438 13.35 -13.01 14.43
C ASN A 438 12.39 -13.98 15.14
N TRP A 439 12.00 -13.63 16.37
CA TRP A 439 10.90 -14.26 17.16
C TRP A 439 9.73 -13.28 17.30
N SER A 440 8.63 -13.55 16.58
CA SER A 440 7.35 -12.78 16.57
C SER A 440 6.26 -13.60 17.27
N PRO A 441 6.14 -13.45 18.62
CA PRO A 441 5.03 -14.02 19.40
C PRO A 441 3.75 -13.21 19.17
N SER A 442 2.60 -13.81 19.49
CA SER A 442 1.27 -13.15 19.39
C SER A 442 0.28 -13.78 20.39
N LEU A 443 -0.70 -12.99 20.84
CA LEU A 443 -1.84 -13.45 21.67
C LEU A 443 -3.08 -12.60 21.36
N ASN A 444 -4.17 -13.27 20.95
CA ASN A 444 -5.46 -12.62 20.61
C ASN A 444 -6.60 -13.25 21.44
N LEU A 445 -7.22 -12.42 22.27
CA LEU A 445 -8.34 -12.76 23.18
C LEU A 445 -9.61 -12.08 22.67
N SER A 446 -10.73 -12.82 22.64
CA SER A 446 -12.10 -12.31 22.44
C SER A 446 -13.02 -12.89 23.53
N HIS A 447 -13.86 -12.05 24.13
CA HIS A 447 -14.67 -12.36 25.33
C HIS A 447 -16.12 -11.88 25.15
N ALA A 448 -17.08 -12.82 25.09
CA ALA A 448 -18.52 -12.55 25.26
C ALA A 448 -18.74 -12.13 26.72
N LEU A 449 -18.96 -10.83 26.94
CA LEU A 449 -19.44 -10.27 28.24
C LEU A 449 -20.95 -10.49 28.30
N THR A 450 -21.62 -10.34 27.17
CA THR A 450 -23.05 -10.59 26.99
C THR A 450 -23.25 -11.29 25.64
N GLU A 451 -24.49 -11.66 25.33
CA GLU A 451 -24.87 -12.11 23.97
C GLU A 451 -24.55 -10.99 22.96
N ARG A 452 -24.78 -9.73 23.34
CA ARG A 452 -24.74 -8.57 22.41
C ARG A 452 -23.38 -7.87 22.48
N VAL A 453 -22.55 -8.18 23.47
CA VAL A 453 -21.30 -7.41 23.70
C VAL A 453 -20.13 -8.38 23.74
N THR A 454 -19.03 -7.97 23.11
CA THR A 454 -17.78 -8.75 22.96
C THR A 454 -16.60 -7.82 23.20
N LEU A 455 -15.73 -8.17 24.13
CA LEU A 455 -14.45 -7.45 24.38
C LEU A 455 -13.32 -8.19 23.64
N LYS A 456 -12.42 -7.45 22.99
CA LYS A 456 -11.28 -8.06 22.25
C LYS A 456 -10.02 -7.30 22.61
N ALA A 457 -8.97 -8.04 22.94
CA ALA A 457 -7.63 -7.54 23.29
C ALA A 457 -6.60 -8.36 22.50
N GLY A 458 -5.51 -7.72 22.10
CA GLY A 458 -4.42 -8.33 21.32
C GLY A 458 -3.11 -7.61 21.58
N ILE A 459 -2.03 -8.38 21.75
CA ILE A 459 -0.64 -7.85 21.76
C ILE A 459 0.21 -8.84 20.96
N ALA A 460 0.81 -8.37 19.86
CA ALA A 460 1.76 -9.14 19.03
C ALA A 460 2.99 -8.28 18.73
N ARG A 461 4.12 -8.94 18.41
CA ARG A 461 5.36 -8.28 17.94
C ARG A 461 5.56 -8.66 16.47
N ALA A 462 5.28 -7.72 15.55
CA ALA A 462 5.26 -7.95 14.10
C ALA A 462 6.68 -7.74 13.57
N TYR A 463 6.91 -8.03 12.29
CA TYR A 463 8.26 -8.21 11.70
C TYR A 463 8.35 -7.40 10.41
N LYS A 464 9.47 -6.69 10.22
CA LYS A 464 9.82 -6.02 8.93
C LYS A 464 11.29 -6.27 8.57
N ALA A 465 11.56 -7.11 7.57
CA ALA A 465 12.90 -7.30 6.96
C ALA A 465 13.27 -6.03 6.22
N PRO A 466 14.52 -5.54 6.33
CA PRO A 466 14.98 -4.42 5.51
C PRO A 466 14.69 -4.71 4.03
N ASN A 467 14.36 -3.68 3.25
CA ASN A 467 14.18 -3.83 1.77
C ASN A 467 15.58 -3.91 1.15
N LEU A 468 15.69 -4.40 -0.08
CA LEU A 468 16.98 -4.76 -0.73
C LEU A 468 17.82 -3.52 -1.02
N TYR A 469 17.21 -2.33 -1.00
CA TYR A 469 17.94 -1.05 -1.18
C TYR A 469 18.60 -0.67 0.15
N GLN A 470 17.84 -0.68 1.24
CA GLN A 470 18.36 -0.34 2.59
C GLN A 470 19.56 -1.23 2.92
N LEU A 471 19.51 -2.48 2.47
CA LEU A 471 20.38 -3.59 2.93
C LEU A 471 21.71 -3.59 2.16
N ASN A 472 21.81 -2.88 1.03
CA ASN A 472 22.85 -3.12 0.00
C ASN A 472 23.97 -2.08 0.12
N PRO A 473 25.19 -2.48 0.57
CA PRO A 473 26.32 -1.56 0.65
C PRO A 473 26.78 -0.98 -0.71
N ASP A 474 26.22 -1.46 -1.82
CA ASP A 474 26.53 -0.94 -3.18
C ASP A 474 25.59 0.23 -3.51
N TYR A 475 24.47 0.35 -2.79
CA TYR A 475 23.41 1.38 -3.05
C TYR A 475 23.80 2.69 -2.37
N LEU A 476 23.94 3.74 -3.17
CA LEU A 476 24.73 4.95 -2.84
C LEU A 476 24.02 6.18 -3.42
N LEU A 477 23.59 7.07 -2.55
CA LEU A 477 23.05 8.40 -2.96
C LEU A 477 24.02 9.46 -2.45
N TYR A 478 24.02 10.63 -3.10
CA TYR A 478 25.00 11.71 -2.87
C TYR A 478 24.27 13.06 -2.87
N SER A 479 24.64 13.92 -1.92
CA SER A 479 24.20 15.34 -1.87
C SER A 479 25.42 16.21 -1.55
N ARG A 480 25.45 17.39 -2.16
CA ARG A 480 26.49 18.42 -1.93
C ARG A 480 26.27 19.11 -0.58
N GLY A 481 25.16 18.82 0.11
CA GLY A 481 24.88 19.37 1.45
C GLY A 481 23.40 19.54 1.71
N GLN A 482 22.62 19.95 0.71
CA GLN A 482 21.23 20.47 0.91
C GLN A 482 20.33 19.39 1.55
N GLY A 483 20.66 18.11 1.38
CA GLY A 483 19.92 16.99 1.99
C GLY A 483 20.69 16.24 3.07
N CYS A 484 21.71 16.87 3.68
CA CYS A 484 22.59 16.20 4.67
C CYS A 484 22.22 16.62 6.09
N TYR A 485 21.98 15.65 6.97
CA TYR A 485 21.51 15.87 8.36
C TYR A 485 22.67 16.41 9.21
N GLY A 486 22.52 17.64 9.73
CA GLY A 486 23.36 18.22 10.80
C GLY A 486 24.60 18.87 10.22
N GLN A 487 24.54 19.38 8.98
CA GLN A 487 25.67 20.05 8.28
C GLN A 487 25.22 20.52 6.90
N SER A 488 26.08 21.28 6.20
CA SER A 488 25.84 21.75 4.81
C SER A 488 26.86 21.15 3.83
N THR A 489 27.78 20.31 4.31
CA THR A 489 28.87 19.66 3.54
C THR A 489 28.30 18.55 2.66
N SER A 490 28.99 18.21 1.57
CA SER A 490 28.74 17.01 0.74
C SER A 490 28.67 15.78 1.66
N CYS A 491 27.80 14.83 1.31
CA CYS A 491 27.60 13.59 2.08
C CYS A 491 27.02 12.51 1.18
N TYR A 492 27.40 11.27 1.47
CA TYR A 492 26.87 10.03 0.88
C TYR A 492 25.87 9.40 1.86
N LEU A 493 24.83 8.76 1.31
CA LEU A 493 24.03 7.76 2.05
C LEU A 493 24.31 6.41 1.43
N ARG A 494 24.53 5.40 2.28
CA ARG A 494 24.97 4.05 1.87
C ARG A 494 24.08 2.97 2.50
N GLY A 495 23.80 1.91 1.75
CA GLY A 495 23.17 0.68 2.27
C GLY A 495 24.02 0.00 3.33
N ASN A 496 23.38 -0.81 4.16
CA ASN A 496 23.97 -1.32 5.43
C ASN A 496 23.41 -2.72 5.69
N ASP A 497 24.21 -3.75 5.40
CA ASP A 497 23.81 -5.18 5.57
C ASP A 497 23.95 -5.56 7.04
N GLY A 498 24.32 -4.61 7.89
CA GLY A 498 24.43 -4.79 9.36
C GLY A 498 23.11 -4.52 10.05
N LEU A 499 22.12 -4.04 9.30
CA LEU A 499 20.82 -3.53 9.80
C LEU A 499 20.10 -4.63 10.59
N LYS A 500 19.36 -4.25 11.63
CA LYS A 500 18.33 -5.10 12.27
C LYS A 500 17.02 -4.93 11.52
N ALA A 501 16.17 -5.96 11.56
CA ALA A 501 14.76 -5.90 11.14
C ALA A 501 14.03 -4.88 12.01
N GLU A 502 13.02 -4.21 11.46
CA GLU A 502 12.05 -3.40 12.24
C GLU A 502 11.05 -4.35 12.88
N THR A 503 10.85 -4.21 14.18
CA THR A 503 9.81 -4.92 14.97
C THR A 503 8.87 -3.87 15.57
N SER A 504 7.62 -4.25 15.81
CA SER A 504 6.55 -3.41 16.40
C SER A 504 5.69 -4.27 17.31
N VAL A 505 5.55 -3.88 18.57
CA VAL A 505 4.60 -4.50 19.53
C VAL A 505 3.25 -3.79 19.35
N ASN A 506 2.45 -4.30 18.42
CA ASN A 506 1.08 -3.79 18.14
C ASN A 506 0.12 -4.24 19.26
N LYS A 507 -0.26 -3.33 20.17
CA LYS A 507 -1.33 -3.55 21.18
C LYS A 507 -2.67 -3.03 20.62
N GLU A 508 -3.78 -3.68 20.98
CA GLU A 508 -5.16 -3.21 20.69
C GLU A 508 -6.13 -3.72 21.76
N LEU A 509 -6.97 -2.84 22.29
CA LEU A 509 -8.10 -3.17 23.20
C LEU A 509 -9.38 -2.55 22.64
N GLY A 510 -10.43 -3.35 22.44
CA GLY A 510 -11.67 -2.89 21.82
C GLY A 510 -12.90 -3.54 22.45
N ILE A 511 -14.07 -2.89 22.27
CA ILE A 511 -15.41 -3.42 22.69
C ILE A 511 -16.44 -3.18 21.57
N GLU A 512 -17.35 -4.13 21.36
CA GLU A 512 -18.36 -4.04 20.27
C GLU A 512 -19.70 -4.64 20.74
N TYR A 513 -20.75 -3.83 20.63
CA TYR A 513 -22.18 -4.24 20.74
C TYR A 513 -22.67 -4.56 19.33
N SER A 514 -23.29 -5.73 19.17
CA SER A 514 -23.87 -6.21 17.89
C SER A 514 -25.14 -7.02 18.18
N HIS A 515 -26.27 -6.63 17.60
CA HIS A 515 -27.57 -7.31 17.77
C HIS A 515 -28.59 -6.70 16.83
N ASP A 516 -29.17 -7.52 15.95
CA ASP A 516 -30.28 -7.15 15.04
C ASP A 516 -29.79 -6.06 14.09
N GLY A 517 -28.59 -6.24 13.52
CA GLY A 517 -27.97 -5.31 12.55
C GLY A 517 -27.56 -3.99 13.18
N LEU A 518 -27.80 -3.82 14.48
CA LEU A 518 -27.26 -2.68 15.26
C LEU A 518 -25.83 -3.02 15.65
N VAL A 519 -24.86 -2.27 15.16
CA VAL A 519 -23.43 -2.43 15.54
C VAL A 519 -22.87 -1.09 16.04
N ALA A 520 -22.25 -1.12 17.22
CA ALA A 520 -21.50 0.00 17.82
C ALA A 520 -20.23 -0.53 18.48
N GLY A 521 -19.08 -0.08 18.01
CA GLY A 521 -17.76 -0.54 18.50
C GLY A 521 -16.73 0.57 18.50
N LEU A 522 -15.77 0.47 19.43
CA LEU A 522 -14.65 1.43 19.58
C LEU A 522 -13.39 0.64 19.96
N THR A 523 -12.31 0.83 19.22
CA THR A 523 -11.00 0.18 19.48
C THR A 523 -9.94 1.26 19.69
N TYR A 524 -9.13 1.08 20.72
CA TYR A 524 -7.84 1.77 20.94
C TYR A 524 -6.72 0.85 20.47
N PHE A 525 -5.75 1.41 19.77
CA PHE A 525 -4.55 0.67 19.27
C PHE A 525 -3.30 1.50 19.57
N ARG A 526 -2.23 0.83 20.01
CA ARG A 526 -0.89 1.44 20.15
C ARG A 526 0.14 0.46 19.60
N ASN A 527 0.91 0.91 18.60
CA ASN A 527 2.06 0.15 18.03
C ASN A 527 3.36 0.80 18.51
N ASP A 528 4.13 0.09 19.33
CA ASP A 528 5.47 0.54 19.78
C ASP A 528 6.48 0.00 18.76
N TYR A 529 7.17 0.92 18.09
CA TYR A 529 7.86 0.71 16.78
C TYR A 529 9.38 0.80 16.99
N LYS A 530 10.07 -0.35 16.94
CA LYS A 530 11.51 -0.52 17.30
C LYS A 530 12.34 -0.73 16.03
N ASN A 531 13.38 0.07 15.84
CA ASN A 531 14.39 -0.14 14.78
C ASN A 531 13.83 0.26 13.41
N LYS A 532 12.84 1.18 13.37
CA LYS A 532 12.39 1.75 12.08
C LYS A 532 13.63 2.22 11.30
N ILE A 533 13.82 1.69 10.08
CA ILE A 533 15.01 1.93 9.21
C ILE A 533 14.81 3.23 8.43
N GLU A 534 15.85 4.07 8.33
CA GLU A 534 15.73 5.47 7.82
C GLU A 534 17.13 6.01 7.54
N SER A 535 17.25 7.00 6.65
CA SER A 535 18.54 7.68 6.35
C SER A 535 19.15 8.21 7.67
N GLY A 536 20.42 7.91 7.92
CA GLY A 536 21.08 8.16 9.23
C GLY A 536 21.17 9.64 9.55
N LEU A 537 21.53 9.96 10.80
CA LEU A 537 21.60 11.35 11.33
C LEU A 537 23.07 11.77 11.59
N SER A 538 23.92 10.79 11.97
CA SER A 538 25.37 10.92 12.28
C SER A 538 26.21 10.30 11.17
N PRO A 539 27.27 10.99 10.68
CA PRO A 539 28.25 10.36 9.81
C PRO A 539 28.90 9.20 10.57
N VAL A 540 29.01 8.02 9.93
CA VAL A 540 29.76 6.86 10.49
C VAL A 540 31.22 6.97 10.06
N ASP A 541 31.50 7.75 9.02
CA ASP A 541 32.85 7.87 8.42
C ASP A 541 32.88 9.11 7.52
N HIS A 542 34.03 9.39 6.90
CA HIS A 542 34.21 10.30 5.74
C HIS A 542 34.93 9.59 4.58
N ALA A 543 34.65 10.02 3.35
CA ALA A 543 35.34 9.58 2.11
C ALA A 543 36.70 10.26 2.03
N SER A 544 37.50 9.88 1.04
CA SER A 544 38.83 10.48 0.72
C SER A 544 38.86 10.94 -0.74
N GLY A 545 39.25 12.19 -0.99
CA GLY A 545 39.53 12.69 -2.34
C GLY A 545 38.34 13.44 -2.89
N GLY A 546 38.28 13.60 -4.21
CA GLY A 546 37.19 14.32 -4.88
C GLY A 546 37.56 15.75 -5.18
N LYS A 547 36.57 16.59 -5.50
CA LYS A 547 36.77 17.93 -6.16
C LYS A 547 36.44 19.07 -5.19
N GLY A 548 37.44 19.88 -4.82
CA GLY A 548 37.27 21.14 -4.07
C GLY A 548 36.51 20.92 -2.77
N ASP A 549 35.55 21.80 -2.50
CA ASP A 549 34.77 21.84 -1.23
C ASP A 549 34.08 20.46 -1.06
N TYR A 550 33.56 19.90 -2.15
CA TYR A 550 32.80 18.61 -2.18
C TYR A 550 33.70 17.44 -1.77
N ALA A 551 35.02 17.68 -1.69
CA ALA A 551 36.01 16.62 -1.37
C ALA A 551 35.77 16.07 0.04
N ASN A 552 36.10 14.80 0.25
CA ASN A 552 36.12 14.09 1.57
C ASN A 552 34.75 14.13 2.23
N ALA A 553 33.69 13.83 1.46
CA ALA A 553 32.27 13.92 1.89
C ALA A 553 32.04 13.05 3.13
N ALA A 554 31.07 13.42 3.97
CA ALA A 554 30.61 12.60 5.11
C ALA A 554 29.82 11.39 4.59
N ILE A 555 29.93 10.25 5.27
CA ILE A 555 29.22 8.98 4.95
C ILE A 555 28.21 8.71 6.05
N TYR A 556 26.92 8.69 5.68
CA TYR A 556 25.80 8.17 6.50
C TYR A 556 25.36 6.81 5.94
N GLN A 557 24.80 5.95 6.79
CA GLN A 557 24.13 4.70 6.37
C GLN A 557 22.62 4.80 6.62
N TRP A 558 21.87 3.86 6.04
CA TRP A 558 20.53 3.47 6.49
C TRP A 558 20.66 2.81 7.88
N GLU A 559 20.12 3.46 8.91
CA GLU A 559 20.21 3.03 10.33
C GLU A 559 18.83 2.61 10.86
N ASN A 560 18.82 1.77 11.89
CA ASN A 560 17.64 1.47 12.74
C ASN A 560 17.44 2.62 13.74
N VAL A 561 16.29 3.30 13.70
CA VAL A 561 15.85 4.24 14.77
C VAL A 561 15.41 3.41 15.97
N PRO A 562 15.99 3.64 17.17
CA PRO A 562 15.61 2.89 18.37
C PRO A 562 14.09 2.78 18.61
N LYS A 563 13.38 3.91 18.69
CA LYS A 563 11.96 3.92 19.14
C LYS A 563 11.13 4.90 18.32
N ALA A 564 9.94 4.45 17.87
CA ALA A 564 8.82 5.31 17.43
C ALA A 564 7.48 4.72 17.89
N VAL A 565 6.43 5.53 17.94
CA VAL A 565 5.09 5.19 18.50
C VAL A 565 4.01 5.73 17.55
N VAL A 566 3.02 4.88 17.22
CA VAL A 566 1.69 5.32 16.74
C VAL A 566 0.61 4.79 17.67
N GLU A 567 -0.50 5.51 17.69
CA GLU A 567 -1.58 5.45 18.70
C GLU A 567 -2.81 6.09 18.08
N GLY A 568 -3.99 5.51 18.29
CA GLY A 568 -5.24 6.12 17.83
C GLY A 568 -6.46 5.25 18.09
N LEU A 569 -7.60 5.63 17.52
CA LEU A 569 -8.94 5.07 17.84
C LEU A 569 -9.64 4.70 16.54
N GLU A 570 -10.21 3.50 16.50
CA GLU A 570 -11.11 3.03 15.41
C GLU A 570 -12.51 2.86 16.00
N GLY A 571 -13.50 3.48 15.36
CA GLY A 571 -14.91 3.35 15.72
C GLY A 571 -15.77 2.94 14.54
N THR A 572 -16.84 2.18 14.81
CA THR A 572 -17.88 1.84 13.82
C THR A 572 -19.24 1.99 14.52
N LEU A 573 -20.26 2.47 13.80
CA LEU A 573 -21.66 2.53 14.29
C LEU A 573 -22.63 2.28 13.13
N THR A 574 -23.43 1.23 13.20
CA THR A 574 -24.41 0.86 12.14
C THR A 574 -25.81 0.82 12.76
N LEU A 575 -26.71 1.69 12.29
CA LEU A 575 -28.11 1.82 12.77
C LEU A 575 -29.05 1.51 11.61
N PRO A 576 -29.96 0.52 11.78
CA PRO A 576 -31.06 0.32 10.85
C PRO A 576 -32.21 1.30 11.08
N LEU A 577 -32.24 2.40 10.32
CA LEU A 577 -33.25 3.48 10.49
C LEU A 577 -34.64 2.87 10.32
N ALA A 578 -34.86 2.17 9.20
CA ALA A 578 -36.06 1.35 8.91
C ALA A 578 -35.61 0.05 8.25
N ASP A 579 -36.56 -0.76 7.78
CA ASP A 579 -36.31 -2.06 7.10
C ASP A 579 -35.50 -1.80 5.82
N GLY A 580 -35.85 -0.73 5.10
CA GLY A 580 -35.31 -0.45 3.75
C GLY A 580 -34.04 0.37 3.79
N LEU A 581 -33.56 0.77 4.96
CA LEU A 581 -32.65 1.93 5.16
C LEU A 581 -31.59 1.63 6.23
N LYS A 582 -30.32 1.79 5.90
CA LYS A 582 -29.17 1.44 6.78
C LYS A 582 -28.19 2.62 6.82
N TRP A 583 -27.85 3.07 8.02
CA TRP A 583 -26.90 4.20 8.27
C TRP A 583 -25.63 3.62 8.88
N SER A 584 -24.51 3.69 8.15
CA SER A 584 -23.21 3.10 8.52
C SER A 584 -22.18 4.22 8.73
N ASN A 585 -21.27 4.03 9.69
CA ASN A 585 -20.19 5.02 9.95
C ASN A 585 -18.94 4.24 10.35
N ASN A 586 -17.79 4.63 9.78
CA ASN A 586 -16.44 4.23 10.25
C ASN A 586 -15.68 5.49 10.69
N LEU A 587 -15.04 5.44 11.86
CA LEU A 587 -14.15 6.52 12.37
C LEU A 587 -12.71 6.02 12.55
N THR A 588 -11.75 6.75 11.97
CA THR A 588 -10.31 6.72 12.37
C THR A 588 -9.99 8.05 13.08
N TYR A 589 -9.34 7.99 14.24
CA TYR A 589 -8.76 9.17 14.93
C TYR A 589 -7.32 8.86 15.33
N MET A 590 -6.36 9.58 14.74
CA MET A 590 -4.90 9.33 14.92
C MET A 590 -4.37 10.22 16.05
N LEU A 591 -4.13 9.64 17.23
CA LEU A 591 -3.75 10.37 18.47
C LEU A 591 -2.29 10.84 18.37
N GLN A 592 -1.40 9.94 17.95
CA GLN A 592 0.08 10.17 18.00
C GLN A 592 0.76 9.43 16.85
N SER A 593 1.83 10.02 16.29
CA SER A 593 2.74 9.41 15.28
C SER A 593 4.11 10.05 15.40
N LYS A 594 5.05 9.44 16.13
CA LYS A 594 6.27 10.12 16.61
C LYS A 594 7.50 9.23 16.45
N ASN A 595 8.44 9.66 15.61
CA ASN A 595 9.87 9.26 15.66
C ASN A 595 10.48 9.81 16.96
N LYS A 596 10.72 8.93 17.95
CA LYS A 596 11.09 9.35 19.33
C LYS A 596 12.54 9.84 19.36
N GLU A 597 13.29 9.61 18.28
CA GLU A 597 14.67 10.13 18.13
C GLU A 597 14.63 11.62 17.76
N THR A 598 13.98 11.97 16.65
CA THR A 598 13.92 13.36 16.09
C THR A 598 12.73 14.12 16.68
N GLY A 599 11.67 13.41 17.09
CA GLY A 599 10.41 13.99 17.57
C GLY A 599 9.51 14.43 16.43
N ASP A 600 9.94 14.22 15.18
CA ASP A 600 9.14 14.53 13.97
C ASP A 600 8.12 13.42 13.79
N VAL A 601 7.22 13.58 12.82
CA VAL A 601 6.14 12.62 12.45
C VAL A 601 6.78 11.42 11.71
N LEU A 602 6.14 10.25 11.74
CA LEU A 602 6.41 9.09 10.86
C LEU A 602 5.82 9.35 9.47
N SER A 603 4.48 9.40 9.41
CA SER A 603 3.64 9.72 8.22
C SER A 603 2.93 11.04 8.47
N VAL A 604 2.29 11.58 7.43
CA VAL A 604 1.28 12.68 7.56
C VAL A 604 -0.09 12.10 7.19
N THR A 605 -1.00 12.00 8.15
CA THR A 605 -2.40 11.52 7.96
C THR A 605 -3.33 12.64 8.40
N PRO A 606 -4.62 12.60 7.99
CA PRO A 606 -5.65 13.42 8.61
C PRO A 606 -5.81 13.05 10.10
N ARG A 607 -6.00 14.05 10.95
CA ARG A 607 -6.13 13.83 12.40
C ARG A 607 -7.24 12.79 12.64
N TYR A 608 -8.33 12.91 11.87
CA TYR A 608 -9.47 11.94 11.88
C TYR A 608 -10.01 11.78 10.47
N THR A 609 -10.85 10.76 10.32
CA THR A 609 -11.54 10.38 9.08
C THR A 609 -12.85 9.69 9.48
N LEU A 610 -13.97 10.30 9.09
CA LEU A 610 -15.35 9.77 9.31
C LEU A 610 -15.97 9.48 7.95
N ASN A 611 -16.25 8.21 7.65
CA ASN A 611 -16.98 7.79 6.43
C ASN A 611 -18.41 7.43 6.83
N SER A 612 -19.38 8.03 6.16
CA SER A 612 -20.82 7.91 6.48
C SER A 612 -21.59 7.51 5.22
N MET A 613 -22.20 6.32 5.19
CA MET A 613 -23.09 5.89 4.09
C MET A 613 -24.53 5.74 4.60
N LEU A 614 -25.49 6.32 3.88
CA LEU A 614 -26.92 5.99 3.96
C LEU A 614 -27.25 5.06 2.80
N ASP A 615 -27.73 3.86 3.08
CA ASP A 615 -28.12 2.87 2.03
C ASP A 615 -29.64 2.65 2.10
N TRP A 616 -30.38 3.16 1.12
CA TRP A 616 -31.85 2.99 0.97
C TRP A 616 -32.12 1.95 -0.12
N GLN A 617 -32.77 0.84 0.25
CA GLN A 617 -33.35 -0.15 -0.71
C GLN A 617 -34.74 0.34 -1.19
N ALA A 618 -34.77 1.44 -1.95
CA ALA A 618 -35.97 2.19 -2.36
C ALA A 618 -37.06 1.26 -2.91
N THR A 619 -36.71 0.30 -3.79
CA THR A 619 -37.64 -0.73 -4.33
C THR A 619 -36.94 -2.10 -4.34
N ASP A 620 -37.71 -3.16 -4.58
CA ASP A 620 -37.17 -4.53 -4.78
C ASP A 620 -36.02 -4.45 -5.78
N ASP A 621 -36.06 -3.47 -6.70
CA ASP A 621 -35.17 -3.44 -7.88
C ASP A 621 -34.30 -2.16 -7.85
N LEU A 622 -34.56 -1.18 -7.00
CA LEU A 622 -33.74 0.06 -6.97
C LEU A 622 -33.10 0.21 -5.59
N SER A 623 -31.79 0.48 -5.56
CA SER A 623 -31.03 0.86 -4.33
C SER A 623 -30.38 2.23 -4.54
N LEU A 624 -30.39 3.06 -3.50
CA LEU A 624 -29.84 4.44 -3.53
C LEU A 624 -28.83 4.62 -2.40
N GLN A 625 -27.73 5.33 -2.66
CA GLN A 625 -26.60 5.48 -1.69
C GLN A 625 -26.19 6.95 -1.65
N ALA A 626 -26.16 7.52 -0.46
CA ALA A 626 -25.51 8.81 -0.16
C ALA A 626 -24.32 8.54 0.75
N THR A 627 -23.18 9.18 0.51
CA THR A 627 -21.96 9.04 1.34
C THR A 627 -21.42 10.43 1.69
N VAL A 628 -20.79 10.54 2.86
CA VAL A 628 -19.91 11.69 3.24
C VAL A 628 -18.65 11.14 3.90
N THR A 629 -17.51 11.72 3.51
CA THR A 629 -16.20 11.58 4.19
C THR A 629 -15.76 12.96 4.71
N TRP A 630 -15.52 13.03 6.02
CA TRP A 630 -14.89 14.16 6.73
C TRP A 630 -13.42 13.83 6.99
N TYR A 631 -12.52 14.64 6.48
CA TYR A 631 -11.06 14.59 6.76
C TYR A 631 -10.71 15.70 7.74
N GLY A 632 -10.08 15.33 8.86
CA GLY A 632 -9.44 16.26 9.81
C GLY A 632 -8.26 17.00 9.21
N LYS A 633 -7.74 17.95 9.98
CA LYS A 633 -6.48 18.71 9.75
C LYS A 633 -5.33 17.76 9.36
N GLN A 634 -4.40 18.26 8.56
CA GLN A 634 -3.16 17.53 8.15
C GLN A 634 -1.98 18.49 8.39
N LYS A 635 -0.96 18.07 9.15
CA LYS A 635 0.22 18.89 9.55
C LYS A 635 1.48 18.32 8.90
N PRO A 636 2.38 19.17 8.36
CA PRO A 636 3.64 18.67 7.81
C PRO A 636 4.71 18.41 8.89
N LYS A 637 5.81 17.77 8.51
CA LYS A 637 7.03 17.61 9.35
C LYS A 637 7.48 18.98 9.89
N LYS A 638 8.11 18.98 11.07
CA LYS A 638 8.68 20.18 11.75
C LYS A 638 10.10 20.50 11.23
N TYR A 639 10.86 19.48 10.82
CA TYR A 639 12.32 19.59 10.56
C TYR A 639 12.61 19.29 9.09
N ASP A 640 13.60 19.97 8.53
CA ASP A 640 14.11 19.78 7.14
C ASP A 640 15.12 18.63 7.13
N TYR A 641 15.77 18.42 5.99
CA TYR A 641 16.72 17.29 5.82
C TYR A 641 17.94 17.49 6.73
N HIS A 642 18.23 18.77 7.03
CA HIS A 642 19.41 19.18 7.85
C HIS A 642 19.13 18.81 9.31
N GLY A 643 17.84 18.86 9.68
CA GLY A 643 17.35 18.70 11.07
C GLY A 643 16.87 20.02 11.63
N ASP A 644 16.85 21.08 10.81
CA ASP A 644 16.57 22.47 11.25
C ASP A 644 15.08 22.75 11.07
N ARG A 645 14.44 23.37 12.08
CA ARG A 645 13.02 23.81 12.05
C ARG A 645 12.75 24.53 10.71
N VAL A 646 11.76 24.06 9.93
CA VAL A 646 11.36 24.67 8.64
C VAL A 646 10.59 25.96 8.95
N THR A 647 10.49 26.88 7.97
CA THR A 647 9.88 28.22 8.12
C THR A 647 9.04 28.59 6.88
N GLY A 648 8.24 29.65 7.00
CA GLY A 648 7.32 30.11 5.94
C GLY A 648 6.37 29.01 5.52
N SER A 649 6.10 28.90 4.22
CA SER A 649 5.00 28.07 3.64
C SER A 649 5.31 26.56 3.79
N ALA A 650 6.47 26.21 4.36
CA ALA A 650 6.80 24.80 4.74
C ALA A 650 5.97 24.37 5.96
N ASN A 651 5.34 25.33 6.66
CA ASN A 651 4.55 25.07 7.89
C ASN A 651 3.06 24.94 7.56
N ASP A 652 2.67 25.30 6.33
CA ASP A 652 1.25 25.33 5.87
C ASP A 652 0.58 24.02 6.26
N GLN A 653 -0.65 24.09 6.76
CA GLN A 653 -1.48 22.91 7.10
C GLN A 653 -2.69 22.86 6.17
N LEU A 654 -3.27 21.68 5.97
CA LEU A 654 -4.56 21.52 5.24
C LEU A 654 -5.70 21.51 6.26
N SER A 655 -6.63 22.44 6.08
CA SER A 655 -7.87 22.58 6.89
C SER A 655 -8.67 21.30 6.74
N PRO A 656 -9.49 20.93 7.76
CA PRO A 656 -10.50 19.89 7.60
C PRO A 656 -11.37 20.20 6.38
N TYR A 657 -11.80 19.16 5.67
CA TYR A 657 -12.74 19.27 4.54
C TYR A 657 -13.59 18.00 4.46
N ALA A 658 -14.69 18.08 3.72
CA ALA A 658 -15.62 16.94 3.51
C ALA A 658 -15.81 16.70 2.00
N ILE A 659 -16.14 15.47 1.64
CA ILE A 659 -16.50 15.05 0.26
C ILE A 659 -17.80 14.26 0.36
N ALA A 660 -18.86 14.67 -0.32
CA ALA A 660 -20.16 13.99 -0.34
C ALA A 660 -20.37 13.34 -1.71
N GLY A 661 -21.17 12.27 -1.77
CA GLY A 661 -21.49 11.56 -3.03
C GLY A 661 -22.84 10.87 -2.97
N LEU A 662 -23.58 10.90 -4.08
CA LEU A 662 -24.84 10.16 -4.32
C LEU A 662 -24.57 9.12 -5.40
N GLY A 663 -25.27 8.00 -5.34
CA GLY A 663 -25.30 7.00 -6.42
C GLY A 663 -26.55 6.16 -6.35
N GLY A 664 -26.79 5.33 -7.37
CA GLY A 664 -27.81 4.27 -7.35
C GLY A 664 -27.36 3.07 -8.18
N THR A 665 -28.01 1.92 -7.96
CA THR A 665 -27.94 0.72 -8.84
C THR A 665 -29.35 0.25 -9.19
N TYR A 666 -29.71 0.34 -10.48
CA TYR A 666 -31.03 -0.07 -11.01
C TYR A 666 -30.90 -1.43 -11.70
N ARG A 667 -31.41 -2.48 -11.05
CA ARG A 667 -31.47 -3.87 -11.57
C ARG A 667 -32.53 -3.97 -12.66
N LEU A 668 -32.13 -4.18 -13.92
CA LEU A 668 -33.03 -4.31 -15.10
C LEU A 668 -33.55 -5.75 -15.19
N SER A 669 -32.82 -6.72 -14.64
CA SER A 669 -33.17 -8.17 -14.64
C SER A 669 -32.17 -8.94 -13.77
N LYS A 670 -32.38 -10.25 -13.66
CA LYS A 670 -31.44 -11.18 -12.97
C LYS A 670 -30.09 -11.19 -13.68
N ASN A 671 -29.97 -10.58 -14.87
CA ASN A 671 -28.82 -10.79 -15.78
C ASN A 671 -28.20 -9.44 -16.15
N LEU A 672 -28.84 -8.33 -15.78
CA LEU A 672 -28.38 -6.96 -16.15
C LEU A 672 -28.67 -5.95 -15.04
N SER A 673 -27.63 -5.23 -14.61
CA SER A 673 -27.69 -4.12 -13.61
C SER A 673 -27.00 -2.89 -14.17
N LEU A 674 -27.49 -1.71 -13.82
CA LEU A 674 -26.91 -0.40 -14.19
C LEU A 674 -26.58 0.34 -12.90
N GLY A 675 -25.50 1.10 -12.89
CA GLY A 675 -25.15 2.07 -11.83
C GLY A 675 -24.95 3.46 -12.40
N ALA A 676 -25.08 4.47 -11.56
CA ALA A 676 -24.86 5.90 -11.91
C ALA A 676 -24.78 6.68 -10.60
N GLY A 677 -23.99 7.77 -10.59
CA GLY A 677 -23.89 8.66 -9.41
C GLY A 677 -22.94 9.81 -9.63
N VAL A 678 -22.57 10.47 -8.54
CA VAL A 678 -21.67 11.67 -8.50
C VAL A 678 -20.77 11.51 -7.27
N ASP A 679 -19.45 11.46 -7.49
CA ASP A 679 -18.43 11.68 -6.43
C ASP A 679 -18.27 13.20 -6.22
N ASN A 680 -18.03 13.64 -5.00
CA ASN A 680 -17.68 15.05 -4.67
C ASN A 680 -18.75 16.00 -5.22
N LEU A 681 -19.99 15.85 -4.72
CA LEU A 681 -21.19 16.61 -5.13
C LEU A 681 -20.89 18.12 -5.17
N PHE A 682 -20.26 18.66 -4.12
CA PHE A 682 -20.07 20.12 -3.90
C PHE A 682 -18.66 20.57 -4.34
N ASP A 683 -17.98 19.77 -5.17
CA ASP A 683 -16.76 20.16 -5.94
C ASP A 683 -15.69 20.75 -5.00
N LYS A 684 -15.51 20.19 -3.80
CA LYS A 684 -14.35 20.56 -2.95
C LYS A 684 -13.05 20.03 -3.58
N ARG A 685 -12.13 20.93 -3.95
CA ARG A 685 -10.89 20.57 -4.69
C ARG A 685 -9.65 21.00 -3.93
N LEU A 686 -8.59 20.19 -4.00
CA LEU A 686 -7.26 20.50 -3.44
C LEU A 686 -6.23 20.24 -4.52
N PHE A 687 -5.07 20.91 -4.40
CA PHE A 687 -4.03 21.08 -5.44
C PHE A 687 -2.65 20.87 -4.81
N ARG A 688 -1.81 20.06 -5.44
CA ARG A 688 -0.41 19.82 -4.98
C ARG A 688 0.38 21.12 -5.24
N ALA A 689 0.92 21.74 -4.19
CA ALA A 689 1.72 22.99 -4.23
C ALA A 689 3.21 22.65 -4.38
N GLY A 690 3.55 21.40 -4.14
CA GLY A 690 4.92 20.88 -4.14
C GLY A 690 5.20 20.00 -2.94
N ASN A 691 6.47 19.79 -2.65
CA ASN A 691 6.95 18.98 -1.49
C ASN A 691 6.80 19.84 -0.25
N ALA A 692 7.09 19.23 0.91
CA ALA A 692 6.78 19.74 2.26
C ALA A 692 7.69 20.90 2.66
N GLN A 693 8.97 20.82 2.31
CA GLN A 693 10.03 21.75 2.79
C GLN A 693 10.51 22.62 1.64
N GLY A 694 11.19 23.73 1.98
CA GLY A 694 11.88 24.57 1.00
C GLY A 694 13.13 23.86 0.50
N VAL A 695 13.42 24.00 -0.80
CA VAL A 695 14.80 23.97 -1.37
C VAL A 695 15.14 25.33 -2.01
N VAL A 696 16.34 25.47 -2.57
CA VAL A 696 16.77 26.68 -3.31
C VAL A 696 15.87 26.89 -4.53
N GLY A 697 15.13 28.00 -4.57
CA GLY A 697 14.29 28.42 -5.71
C GLY A 697 12.89 27.82 -5.66
N ILE A 698 12.67 26.82 -4.80
CA ILE A 698 11.36 26.12 -4.64
C ILE A 698 10.95 26.17 -3.16
N ASP A 699 10.13 27.15 -2.78
CA ASP A 699 9.43 27.20 -1.46
C ASP A 699 8.73 25.86 -1.22
N GLY A 700 8.69 25.41 0.04
CA GLY A 700 7.88 24.25 0.47
C GLY A 700 6.39 24.50 0.35
N ALA A 701 5.59 23.44 0.44
CA ALA A 701 4.11 23.43 0.31
C ALA A 701 3.46 22.81 1.55
N GLY A 702 4.26 22.48 2.58
CA GLY A 702 3.82 21.84 3.83
C GLY A 702 2.97 20.61 3.57
N ALA A 703 1.73 20.60 4.05
CA ALA A 703 0.80 19.44 3.97
C ALA A 703 0.14 19.39 2.59
N ALA A 704 0.32 20.40 1.75
CA ALA A 704 -0.48 20.56 0.51
C ALA A 704 0.26 19.84 -0.64
N THR A 705 0.29 18.50 -0.60
CA THR A 705 1.24 17.65 -1.37
C THR A 705 0.50 16.76 -2.37
N TYR A 706 -0.84 16.81 -2.41
CA TYR A 706 -1.68 15.91 -3.26
C TYR A 706 -2.81 16.71 -3.91
N ASN A 707 -3.34 16.18 -5.01
CA ASN A 707 -4.52 16.72 -5.73
C ASN A 707 -5.78 15.95 -5.30
N GLU A 708 -6.78 16.65 -4.74
CA GLU A 708 -8.13 16.08 -4.46
C GLU A 708 -9.01 16.43 -5.65
N PRO A 709 -9.56 15.41 -6.36
CA PRO A 709 -10.36 15.65 -7.56
C PRO A 709 -11.72 16.27 -7.24
N GLY A 710 -12.28 17.00 -8.22
CA GLY A 710 -13.56 17.72 -8.11
C GLY A 710 -14.74 16.82 -8.42
N ARG A 711 -15.91 17.42 -8.63
CA ARG A 711 -17.16 16.72 -9.03
C ARG A 711 -16.86 15.83 -10.24
N THR A 712 -17.36 14.60 -10.20
CA THR A 712 -17.15 13.55 -11.22
C THR A 712 -18.43 12.68 -11.30
N PHE A 713 -19.12 12.70 -12.43
CA PHE A 713 -20.24 11.77 -12.71
C PHE A 713 -19.63 10.43 -13.12
N TYR A 714 -20.34 9.34 -12.89
CA TYR A 714 -19.89 7.98 -13.29
C TYR A 714 -21.12 7.15 -13.66
N THR A 715 -20.95 6.21 -14.58
CA THR A 715 -22.00 5.21 -14.96
C THR A 715 -21.36 3.84 -15.08
N SER A 716 -22.13 2.77 -14.88
CA SER A 716 -21.64 1.37 -14.88
C SER A 716 -22.74 0.46 -15.40
N LEU A 717 -22.36 -0.73 -15.85
CA LEU A 717 -23.26 -1.72 -16.47
C LEU A 717 -22.64 -3.12 -16.29
N THR A 718 -23.39 -4.05 -15.70
CA THR A 718 -22.92 -5.43 -15.38
C THR A 718 -23.95 -6.43 -15.89
N ALA A 719 -23.55 -7.26 -16.85
CA ALA A 719 -24.32 -8.42 -17.37
C ALA A 719 -23.67 -9.70 -16.87
N SER A 720 -24.46 -10.61 -16.31
CA SER A 720 -23.97 -11.85 -15.63
C SER A 720 -25.02 -12.96 -15.81
N PHE A 721 -24.53 -14.17 -16.06
CA PHE A 721 -25.22 -15.46 -15.77
C PHE A 721 -24.47 -16.14 -14.63
C4 V82 B . 23.46 21.44 -2.03
C5 V82 B . 24.17 22.10 -1.02
C6 V82 B . 24.39 23.47 -1.09
C7 V82 B . 23.89 24.19 -2.17
C10 V82 B . 18.81 26.16 -9.81
C3 V82 B . 22.95 22.17 -3.11
OAC V82 B . 15.95 20.07 -4.77
CBI V82 B . 17.15 20.13 -4.53
CBT V82 B . 17.76 19.16 -3.55
CBQ V82 B . 19.14 19.10 -3.35
OAK V82 B . 19.95 19.96 -4.05
CBN V82 B . 19.70 18.19 -2.46
OAH V82 B . 21.05 18.14 -2.26
CAR V82 B . 18.87 17.31 -1.75
CAO V82 B . 17.50 17.36 -1.94
CAU V82 B . 16.94 18.28 -2.83
NBC V82 B . 17.92 21.01 -5.16
CAY V82 B . 17.39 21.90 -6.17
CBH V82 B . 17.74 21.42 -7.56
OAB V82 B . 16.87 21.22 -8.39
NBD V82 B . 19.02 21.24 -7.83
CB V82 B . 19.45 20.81 -9.14
CA V82 B . 20.95 21.01 -9.34
N V82 B . 21.69 20.09 -8.50
CBJ V82 B . 22.47 19.12 -8.99
CBU V82 B . 23.28 18.33 -7.99
CBR V82 B . 22.98 18.49 -6.65
OAL V82 B . 22.00 19.37 -6.27
CBO V82 B . 23.70 17.76 -5.70
OAI V82 B . 23.44 17.96 -4.37
CAS V82 B . 24.69 16.86 -6.10
CAP V82 B . 24.97 16.68 -7.46
CAV V82 B . 24.25 17.41 -8.41
OAD V82 B . 22.57 18.86 -10.19
C V82 B . 21.28 22.45 -9.04
NBE V82 B . 22.27 22.70 -8.18
CBA V82 B . 22.70 24.05 -7.86
CBX V82 B . 21.97 24.62 -6.63
NBG V82 B . 22.26 23.81 -5.46
CBK V82 B . 22.62 24.38 -4.31
OAE V82 B . 22.53 25.58 -4.14
CBL V82 B . 20.49 24.81 -6.89
OAF V82 B . 19.65 24.25 -6.19
NBB V82 B . 20.18 25.64 -7.90
CAX V82 B . 18.82 25.93 -8.32
O1 V82 B . 20.62 23.34 -9.57
C2 V82 B . 23.17 23.54 -3.18
O8 V82 B . 22.23 21.55 -4.09
O9 V82 B . 23.25 20.09 -1.89
C4 V82 C . 23.60 33.02 -18.93
C14 V82 C . 26.38 40.22 -16.99
C5 V82 C . 24.36 32.97 -20.09
C6 V82 C . 24.69 34.14 -20.76
C11 V82 C . 29.00 25.93 -18.59
C7 V82 C . 24.26 35.36 -20.27
C8 V82 C . 27.45 27.47 -17.81
C10 V82 C . 25.37 41.18 -16.88
C12 V82 C . 29.58 27.35 -18.77
N1 V82 C . 28.52 28.15 -18.20
C3 V82 C . 23.14 34.25 -18.45
OAC V82 C . 27.12 34.83 -13.56
CBI V82 C . 26.34 34.18 -14.23
CBT V82 C . 26.55 32.67 -14.33
CBQ V82 C . 25.49 31.85 -14.70
OAK V82 C . 24.28 32.39 -15.00
CBN V82 C . 25.66 30.47 -14.74
OAH V82 C . 24.61 29.68 -15.10
CAR V82 C . 26.88 29.91 -14.42
CAO V82 C . 27.95 30.73 -14.05
CAU V82 C . 27.78 32.12 -14.00
NBC V82 C . 25.26 34.73 -14.77
CAY V82 C . 24.80 36.06 -14.41
CBH V82 C . 23.71 36.00 -13.36
OAB V82 C . 23.81 35.22 -12.43
NBD V82 C . 22.65 36.79 -13.53
CB V82 C . 21.54 36.85 -12.58
CA V82 C . 20.17 36.93 -13.26
N V82 C . 19.79 35.63 -13.80
CBJ V82 C . 18.59 35.09 -13.60
CBU V82 C . 18.16 33.90 -14.40
CBR V82 C . 19.01 32.80 -14.53
OAL V82 C . 20.24 32.82 -13.94
CBO V82 C . 18.61 31.70 -15.25
OAI V82 C . 19.46 30.64 -15.38
CAS V82 C . 17.36 31.67 -15.87
CAP V82 C . 16.50 32.75 -15.75
CAV V82 C . 16.90 33.86 -15.01
OAD V82 C . 17.80 35.56 -12.79
C V82 C . 20.13 38.00 -14.32
NBE V82 C . 20.15 37.58 -15.60
CBA V82 C . 20.30 38.49 -16.72
CBX V82 C . 21.69 38.38 -17.34
NBG V82 C . 22.05 37.00 -17.73
CBK V82 C . 23.04 36.80 -18.61
OAE V82 C . 23.69 37.74 -19.02
CBL V82 C . 22.73 39.07 -16.46
OAF V82 C . 23.28 38.47 -15.56
NBB V82 C . 23.05 40.33 -16.76
CAX V82 C . 24.10 41.06 -16.05
O1 V82 C . 20.12 39.18 -14.01
C2 V82 C . 23.46 35.43 -19.11
O8 V82 C . 22.39 34.35 -17.32
O9 V82 C . 23.34 31.85 -18.29
N11 V82 C . 25.77 42.28 -17.57
N12 V82 C . 27.02 42.03 -18.16
N13 V82 C . 27.35 40.73 -17.76
O21 V82 C . 28.92 38.91 -17.78
C22 V82 C . 28.02 37.81 -18.09
O23 V82 C . 26.99 38.08 -18.69
N24 V82 C . 28.30 36.54 -17.73
C25 V82 C . 29.65 36.01 -17.52
C26 V82 C . 29.60 34.55 -17.03
N27 V82 C . 28.70 33.77 -17.88
C28 V82 C . 27.64 34.47 -18.60
C29 V82 C . 27.21 35.57 -17.64
C30 V82 C . 28.71 32.36 -17.94
C31 V82 C . 27.48 31.70 -18.03
C32 V82 C . 27.42 30.31 -18.10
C33 V82 C . 28.59 29.56 -18.12
C34 V82 C . 29.83 30.21 -18.04
C35 V82 C . 29.89 31.61 -17.96
F36 V82 C . 31.09 32.20 -17.87
O24 V82 C . 27.66 26.05 -18.11
O13 V82 C . 26.44 27.89 -17.26
C17 V82 C . 29.08 25.11 -19.88
N23 V82 C . 27.75 24.93 -20.46
C24 V82 C . 27.46 23.96 -21.34
C27 V82 C . 28.58 23.01 -21.70
O36 V82 C . 26.34 23.86 -21.82
C1 V82 C . 28.64 40.23 -18.26
FE FE D . 22.05 19.51 -4.07
FE FE E . 22.15 32.48 -15.78
#